data_6XMI
#
_entry.id   6XMI
#
_cell.length_a   74.180
_cell.length_b   86.395
_cell.length_c   86.151
_cell.angle_alpha   90.000
_cell.angle_beta   97.720
_cell.angle_gamma   90.000
#
_symmetry.space_group_name_H-M   'P 1 21 1'
#
loop_
_entity.id
_entity.type
_entity.pdbx_description
1 polymer 'Fab Light chain'
2 polymer 'Fab Heavy chain'
3 polymer 'Terminase, large subunit'
4 water water
#
loop_
_entity_poly.entity_id
_entity_poly.type
_entity_poly.pdbx_seq_one_letter_code
_entity_poly.pdbx_strand_id
1 'polypeptide(L)'
;SDIQMTQSPSSLSASVGDRVTITCRASQSVSSAVAWYQQKPGKAPKLLIYSASSLYSGVPSRFSGSRSGTDFTLTISSLQ
PEDFATYYCQQSVSYMGPLTFGQGTKVEIKRTVAAPSVFIFPPSDSQLKSGTASVVCLLNNFYPREAKVQWKVDNALQSG
NSQESVTEQDSKDSTYSLSSTLTLSKADYEKHKVYACEVTHQGLSSPVTKSFNRG
;
A,D
2 'polypeptide(L)'
;ECEISEVQLVESGGGLVQPGGSLRLSCAASGFNFYSSYIHWVRQAPGKGLEWVASISPYSGSTSYADSVKGRFTISADTS
KNTAYLQMNSLRAEDTAVYYCARYSWPWVSYKPYYGLHFSAMDYWGQGTLVTVSSASTKGPSVFPLAPSSKSTSGGTAAL
GCLVKDYFPEPVTVSWNSGALTSGVHTFPAVLQSSGLYSLSSVVTVPSSSLGTQTYICNVNHKPSNTKVDKKVEPKSCDK
THT
;
B,E
3 'polypeptide(L)' MELDAILDNLSDEEQIELLELLEEEENYRNTHL F,C
#
# COMPACT_ATOMS: atom_id res chain seq x y z
N ASP A 2 -2.78 -13.02 -9.65
CA ASP A 2 -2.22 -13.54 -8.38
C ASP A 2 -3.24 -13.35 -7.27
N ILE A 3 -3.05 -14.08 -6.18
CA ILE A 3 -3.92 -13.99 -5.03
C ILE A 3 -3.41 -12.87 -4.15
N GLN A 4 -4.28 -11.91 -3.82
CA GLN A 4 -3.94 -10.82 -2.94
C GLN A 4 -4.55 -11.08 -1.56
N MET A 5 -3.87 -10.57 -0.52
CA MET A 5 -4.32 -10.59 0.86
C MET A 5 -4.47 -9.13 1.29
N THR A 6 -5.70 -8.69 1.51
CA THR A 6 -6.01 -7.30 1.84
C THR A 6 -6.19 -7.23 3.35
N GLN A 7 -5.19 -6.71 4.04
CA GLN A 7 -5.12 -6.69 5.49
C GLN A 7 -5.57 -5.36 6.06
N SER A 8 -6.30 -5.43 7.18
CA SER A 8 -6.83 -4.25 7.84
C SER A 8 -6.79 -4.47 9.35
N PRO A 9 -6.61 -3.40 10.14
CA PRO A 9 -6.30 -2.02 9.77
C PRO A 9 -4.80 -1.90 9.48
N SER A 10 -4.37 -0.76 8.93
CA SER A 10 -2.95 -0.55 8.71
C SER A 10 -2.22 -0.19 10.00
N SER A 11 -2.94 0.38 10.95
CA SER A 11 -2.36 0.68 12.25
C SER A 11 -3.51 0.68 13.24
N LEU A 12 -3.19 0.42 14.50
CA LEU A 12 -4.14 0.57 15.58
C LEU A 12 -3.39 0.84 16.87
N SER A 13 -4.09 1.48 17.81
CA SER A 13 -3.58 1.81 19.13
C SER A 13 -4.63 1.36 20.13
N ALA A 14 -4.21 0.67 21.17
CA ALA A 14 -5.17 0.13 22.13
C ALA A 14 -4.53 0.03 23.51
N SER A 15 -5.38 0.02 24.53
CA SER A 15 -4.93 -0.02 25.91
C SER A 15 -4.64 -1.45 26.32
N VAL A 16 -3.75 -1.60 27.30
CA VAL A 16 -3.47 -2.92 27.84
C VAL A 16 -4.75 -3.56 28.32
N GLY A 17 -4.92 -4.86 28.03
CA GLY A 17 -6.09 -5.56 28.40
C GLY A 17 -7.18 -5.63 27.36
N ASP A 18 -7.14 -4.77 26.35
CA ASP A 18 -8.20 -4.74 25.37
C ASP A 18 -8.08 -5.92 24.41
N ARG A 19 -9.17 -6.21 23.73
CA ARG A 19 -9.23 -7.21 22.68
C ARG A 19 -9.03 -6.51 21.35
N VAL A 20 -8.05 -6.97 20.60
CA VAL A 20 -7.63 -6.39 19.33
C VAL A 20 -7.92 -7.42 18.23
N THR A 21 -8.46 -6.91 17.12
CA THR A 21 -8.82 -7.72 15.96
C THR A 21 -8.14 -7.20 14.70
N ILE A 22 -7.45 -8.10 13.99
CA ILE A 22 -6.77 -7.81 12.73
C ILE A 22 -7.34 -8.75 11.68
N THR A 23 -7.66 -8.26 10.50
CA THR A 23 -8.33 -9.09 9.52
C THR A 23 -7.59 -9.04 8.20
N CYS A 24 -7.85 -10.06 7.38
CA CYS A 24 -7.22 -10.22 6.09
C CYS A 24 -8.28 -10.86 5.19
N ARG A 25 -8.56 -10.25 4.06
CA ARG A 25 -9.49 -10.83 3.09
C ARG A 25 -8.69 -11.30 1.87
N ALA A 26 -8.78 -12.59 1.52
CA ALA A 26 -8.16 -13.09 0.30
C ALA A 26 -9.00 -12.80 -0.94
N SER A 27 -8.34 -12.48 -2.06
CA SER A 27 -9.03 -12.11 -3.29
C SER A 27 -9.73 -13.30 -3.98
N GLN A 28 -9.41 -14.51 -3.58
CA GLN A 28 -10.06 -15.73 -4.05
C GLN A 28 -9.74 -16.79 -3.00
N SER A 29 -10.29 -17.98 -3.21
CA SER A 29 -10.17 -19.03 -2.21
C SER A 29 -8.70 -19.32 -1.89
N VAL A 30 -8.39 -19.39 -0.60
CA VAL A 30 -7.08 -19.85 -0.16
C VAL A 30 -7.21 -21.04 0.79
N SER A 31 -8.35 -21.74 0.74
CA SER A 31 -8.60 -22.80 1.70
C SER A 31 -8.34 -22.24 3.09
N SER A 32 -7.70 -23.04 3.97
CA SER A 32 -7.26 -22.56 5.28
C SER A 32 -5.74 -22.35 5.35
N ALA A 33 -5.12 -22.07 4.20
CA ALA A 33 -3.67 -21.97 4.08
C ALA A 33 -3.21 -20.55 4.44
N VAL A 34 -3.46 -20.14 5.69
CA VAL A 34 -3.19 -18.78 6.13
C VAL A 34 -2.41 -18.84 7.45
N ALA A 35 -1.32 -18.09 7.51
CA ALA A 35 -0.51 -17.95 8.70
C ALA A 35 -0.44 -16.50 9.11
N TRP A 36 -0.19 -16.30 10.40
CA TRP A 36 -0.04 -14.99 11.00
C TRP A 36 1.31 -14.94 11.70
N TYR A 37 2.04 -13.84 11.44
CA TYR A 37 3.37 -13.58 11.96
C TYR A 37 3.39 -12.26 12.72
N GLN A 38 4.30 -12.19 13.69
CA GLN A 38 4.57 -11.01 14.50
C GLN A 38 6.01 -10.59 14.29
N GLN A 39 6.25 -9.32 13.95
CA GLN A 39 7.60 -8.88 13.69
C GLN A 39 7.90 -7.67 14.58
N LYS A 40 8.95 -7.81 15.43
CA LYS A 40 9.49 -6.76 16.26
C LYS A 40 10.62 -6.06 15.51
N PRO A 41 10.89 -4.81 15.83
CA PRO A 41 11.84 -4.02 15.03
C PRO A 41 13.20 -4.69 14.91
N GLY A 42 13.68 -4.74 13.67
CA GLY A 42 14.99 -5.27 13.42
C GLY A 42 15.14 -6.77 13.56
N LYS A 43 14.05 -7.49 13.72
CA LYS A 43 14.08 -8.92 13.98
C LYS A 43 13.33 -9.68 12.88
N ALA A 44 13.65 -10.94 12.70
CA ALA A 44 12.83 -11.76 11.81
C ALA A 44 11.40 -11.94 12.35
N PRO A 45 10.43 -12.10 11.46
CA PRO A 45 9.07 -12.42 11.92
C PRO A 45 9.08 -13.70 12.72
N LYS A 46 8.11 -13.79 13.63
CA LYS A 46 7.85 -14.99 14.43
C LYS A 46 6.45 -15.52 14.15
N LEU A 47 6.33 -16.85 14.00
CA LEU A 47 5.04 -17.47 13.73
C LEU A 47 4.13 -17.44 14.96
N LEU A 48 2.88 -17.01 14.77
CA LEU A 48 1.85 -17.07 15.78
C LEU A 48 0.81 -18.15 15.52
N ILE A 49 0.23 -18.13 14.32
CA ILE A 49 -0.90 -18.98 13.95
C ILE A 49 -0.63 -19.59 12.60
N TYR A 50 -0.91 -20.88 12.46
CA TYR A 50 -0.76 -21.50 11.15
C TYR A 50 -2.02 -22.27 10.79
N SER A 51 -2.18 -22.47 9.48
CA SER A 51 -3.34 -23.22 8.98
C SER A 51 -4.64 -22.60 9.50
N ALA A 52 -4.67 -21.27 9.43
CA ALA A 52 -5.78 -20.38 9.79
C ALA A 52 -6.08 -20.29 11.28
N SER A 53 -6.05 -21.44 11.99
CA SER A 53 -6.56 -21.45 13.37
C SER A 53 -5.71 -22.19 14.38
N SER A 54 -4.55 -22.71 14.00
CA SER A 54 -3.71 -23.46 14.92
C SER A 54 -2.66 -22.58 15.58
N LEU A 55 -2.66 -22.64 16.92
CA LEU A 55 -1.71 -21.87 17.71
C LEU A 55 -0.37 -22.55 17.71
N TYR A 56 0.67 -21.80 17.33
CA TYR A 56 2.01 -22.37 17.28
C TYR A 56 2.56 -22.58 18.69
N SER A 57 3.29 -23.68 18.88
CA SER A 57 3.83 -24.02 20.19
C SER A 57 4.65 -22.88 20.78
N GLY A 58 4.38 -22.56 22.06
CA GLY A 58 5.09 -21.53 22.79
C GLY A 58 4.47 -20.15 22.70
N VAL A 59 3.49 -19.96 21.83
CA VAL A 59 2.81 -18.68 21.69
C VAL A 59 1.74 -18.58 22.77
N PRO A 60 1.57 -17.44 23.44
CA PRO A 60 0.54 -17.35 24.47
C PRO A 60 -0.87 -17.59 23.93
N SER A 61 -1.72 -18.15 24.78
CA SER A 61 -3.07 -18.47 24.33
C SER A 61 -3.96 -17.25 24.11
N ARG A 62 -3.51 -16.04 24.48
CA ARG A 62 -4.26 -14.85 24.12
C ARG A 62 -4.32 -14.59 22.62
N PHE A 63 -3.47 -15.29 21.82
CA PHE A 63 -3.52 -15.18 20.35
C PHE A 63 -4.42 -16.26 19.81
N SER A 64 -5.31 -15.91 18.89
CA SER A 64 -6.11 -16.92 18.22
C SER A 64 -6.40 -16.48 16.79
N GLY A 65 -6.64 -17.48 15.94
CA GLY A 65 -6.94 -17.25 14.54
C GLY A 65 -8.24 -17.93 14.18
N SER A 66 -8.97 -17.30 13.25
CA SER A 66 -10.21 -17.88 12.76
C SER A 66 -10.39 -17.57 11.28
N ARG A 67 -11.32 -18.32 10.69
CA ARG A 67 -11.66 -18.21 9.29
C ARG A 67 -13.16 -18.14 9.10
N SER A 68 -13.59 -17.26 8.19
CA SER A 68 -14.97 -17.27 7.66
C SER A 68 -14.86 -17.08 6.15
N GLY A 69 -14.86 -18.18 5.40
CA GLY A 69 -14.70 -18.13 3.96
C GLY A 69 -13.33 -17.66 3.53
N THR A 70 -13.29 -16.51 2.87
CA THR A 70 -12.02 -15.90 2.49
C THR A 70 -11.59 -14.81 3.46
N ASP A 71 -12.31 -14.64 4.57
CA ASP A 71 -11.96 -13.65 5.59
C ASP A 71 -11.26 -14.36 6.75
N PHE A 72 -10.14 -13.82 7.20
CA PHE A 72 -9.32 -14.41 8.25
C PHE A 72 -9.08 -13.36 9.31
N THR A 73 -9.14 -13.79 10.57
CA THR A 73 -9.00 -12.89 11.70
C THR A 73 -7.97 -13.40 12.70
N LEU A 74 -7.09 -12.50 13.11
CA LEU A 74 -6.21 -12.69 14.25
C LEU A 74 -6.79 -11.87 15.40
N THR A 75 -7.01 -12.53 16.54
CA THR A 75 -7.50 -11.86 17.75
C THR A 75 -6.42 -11.96 18.81
N ILE A 76 -6.13 -10.82 19.44
CA ILE A 76 -5.25 -10.76 20.60
C ILE A 76 -6.19 -10.39 21.74
N SER A 77 -6.38 -11.32 22.66
CA SER A 77 -7.49 -11.19 23.62
C SER A 77 -7.22 -10.22 24.74
N SER A 78 -5.99 -10.15 25.27
CA SER A 78 -5.71 -9.32 26.45
C SER A 78 -4.38 -8.65 26.17
N LEU A 79 -4.45 -7.54 25.47
CA LEU A 79 -3.27 -6.92 24.89
C LEU A 79 -2.24 -6.55 25.94
N GLN A 80 -0.97 -6.85 25.67
CA GLN A 80 0.13 -6.56 26.57
C GLN A 80 1.17 -5.65 25.94
N PRO A 81 1.99 -4.97 26.77
CA PRO A 81 3.01 -4.06 26.20
C PRO A 81 3.95 -4.75 25.22
N GLU A 82 4.30 -6.01 25.49
CA GLU A 82 5.19 -6.76 24.63
C GLU A 82 4.55 -7.10 23.29
N ASP A 83 3.27 -6.81 23.10
CA ASP A 83 2.60 -7.10 21.84
C ASP A 83 2.82 -6.00 20.80
N PHE A 84 3.54 -4.93 21.17
CA PHE A 84 3.98 -3.96 20.18
C PHE A 84 4.74 -4.68 19.09
N ALA A 85 4.29 -4.49 17.84
CA ALA A 85 4.85 -5.20 16.70
C ALA A 85 4.07 -4.82 15.46
N THR A 86 4.57 -5.29 14.32
CA THR A 86 3.81 -5.32 13.08
C THR A 86 3.39 -6.75 12.82
N TYR A 87 2.12 -6.96 12.51
CA TYR A 87 1.55 -8.28 12.28
C TYR A 87 1.25 -8.45 10.80
N TYR A 88 1.54 -9.66 10.27
CA TYR A 88 1.31 -9.97 8.86
C TYR A 88 0.53 -11.26 8.68
N CYS A 89 -0.44 -11.26 7.75
CA CYS A 89 -1.01 -12.52 7.26
C CYS A 89 -0.25 -13.01 6.02
N GLN A 90 -0.37 -14.29 5.79
CA GLN A 90 0.31 -14.89 4.64
C GLN A 90 -0.40 -16.13 4.08
N GLN A 91 -0.68 -16.17 2.79
CA GLN A 91 -1.34 -17.35 2.23
C GLN A 91 -0.37 -18.23 1.45
N SER A 92 -0.63 -19.54 1.46
CA SER A 92 0.22 -20.52 0.81
C SER A 92 -0.62 -21.62 0.17
N VAL A 93 -1.75 -21.27 -0.43
CA VAL A 93 -2.64 -22.29 -0.95
C VAL A 93 -2.08 -22.96 -2.20
N SER A 94 -1.21 -22.28 -2.97
CA SER A 94 -0.67 -22.81 -4.21
C SER A 94 0.59 -23.60 -3.88
N TYR A 95 0.54 -24.92 -4.10
CA TYR A 95 1.67 -25.77 -3.75
C TYR A 95 2.88 -25.38 -4.63
N MET A 96 3.99 -25.04 -3.98
CA MET A 96 5.20 -24.58 -4.70
C MET A 96 4.86 -23.45 -5.66
N GLY A 97 3.89 -22.62 -5.25
CA GLY A 97 3.45 -21.49 -6.02
C GLY A 97 3.65 -20.19 -5.26
N PRO A 98 3.16 -19.08 -5.80
CA PRO A 98 3.43 -17.78 -5.16
C PRO A 98 2.84 -17.72 -3.76
N LEU A 99 3.65 -17.25 -2.83
CA LEU A 99 3.22 -16.92 -1.48
C LEU A 99 2.96 -15.42 -1.41
N THR A 100 1.89 -15.01 -0.77
CA THR A 100 1.68 -13.58 -0.67
C THR A 100 1.30 -13.17 0.76
N PHE A 101 1.75 -11.97 1.10
CA PHE A 101 1.62 -11.41 2.42
C PHE A 101 0.64 -10.24 2.37
N GLY A 102 -0.10 -10.07 3.47
CA GLY A 102 -0.80 -8.82 3.66
C GLY A 102 0.18 -7.69 3.94
N GLN A 103 -0.31 -6.44 3.88
CA GLN A 103 0.57 -5.29 3.94
C GLN A 103 1.05 -4.97 5.36
N GLY A 104 0.49 -5.61 6.36
CA GLY A 104 0.90 -5.46 7.74
C GLY A 104 -0.01 -4.53 8.50
N THR A 105 -0.05 -4.75 9.83
CA THR A 105 -0.75 -3.94 10.81
C THR A 105 0.23 -3.56 11.91
N LYS A 106 0.46 -2.26 12.10
CA LYS A 106 1.30 -1.75 13.17
C LYS A 106 0.42 -1.57 14.40
N VAL A 107 0.78 -2.22 15.50
CA VAL A 107 0.04 -2.16 16.75
C VAL A 107 0.84 -1.30 17.72
N GLU A 108 0.21 -0.21 18.19
CA GLU A 108 0.74 0.64 19.26
C GLU A 108 -0.01 0.33 20.55
N ILE A 109 0.73 0.27 21.67
CA ILE A 109 0.16 0.04 23.00
C ILE A 109 0.02 1.39 23.71
N LYS A 110 -1.16 1.71 24.20
CA LYS A 110 -1.35 2.93 24.95
C LYS A 110 -0.80 2.75 26.35
N ARG A 111 -0.43 3.87 26.97
CA ARG A 111 0.02 3.94 28.34
C ARG A 111 -0.33 5.32 28.87
N THR A 112 -0.04 5.54 30.14
CA THR A 112 -0.25 6.85 30.72
C THR A 112 0.66 7.90 30.08
N VAL A 113 0.19 9.15 30.06
CA VAL A 113 1.03 10.23 29.53
C VAL A 113 2.32 10.30 30.33
N ALA A 114 3.43 10.47 29.62
CA ALA A 114 4.75 10.60 30.21
C ALA A 114 5.47 11.72 29.48
N ALA A 115 5.86 12.77 30.21
CA ALA A 115 6.55 13.88 29.58
C ALA A 115 8.00 13.50 29.24
N PRO A 116 8.55 14.03 28.14
CA PRO A 116 9.96 13.76 27.84
C PRO A 116 10.89 14.42 28.83
N SER A 117 11.99 13.74 29.12
CA SER A 117 13.17 14.41 29.65
C SER A 117 13.94 14.98 28.46
N VAL A 118 14.37 16.23 28.54
CA VAL A 118 14.99 16.90 27.39
C VAL A 118 16.44 17.22 27.70
N PHE A 119 17.30 17.00 26.71
CA PHE A 119 18.73 17.27 26.81
C PHE A 119 19.24 17.89 25.52
N ILE A 120 20.18 18.82 25.64
CA ILE A 120 20.83 19.40 24.45
C ILE A 120 22.33 19.15 24.54
N PHE A 121 22.96 18.91 23.38
CA PHE A 121 24.37 18.57 23.30
C PHE A 121 25.04 19.49 22.29
N PRO A 122 26.05 20.26 22.70
CA PRO A 122 26.81 21.05 21.73
C PRO A 122 27.67 20.14 20.86
N PRO A 123 28.17 20.64 19.74
CA PRO A 123 29.19 19.89 19.00
C PRO A 123 30.47 19.73 19.81
N SER A 124 31.12 18.57 19.64
CA SER A 124 32.42 18.36 20.27
C SER A 124 33.50 19.16 19.54
N ASP A 125 34.57 19.48 20.26
CA ASP A 125 35.70 20.16 19.61
C ASP A 125 36.28 19.32 18.46
N SER A 126 36.35 18.00 18.64
CA SER A 126 36.86 17.15 17.56
C SER A 126 36.00 17.29 16.30
N GLN A 127 34.68 17.34 16.43
CA GLN A 127 33.89 17.52 15.21
C GLN A 127 34.18 18.86 14.57
N LEU A 128 34.35 19.89 15.41
CA LEU A 128 34.58 21.23 14.89
C LEU A 128 35.86 21.30 14.05
N LYS A 129 36.91 20.58 14.46
CA LYS A 129 38.10 20.63 13.61
C LYS A 129 37.80 20.21 12.17
N SER A 130 36.81 19.34 11.97
CA SER A 130 36.51 18.80 10.65
C SER A 130 35.75 19.77 9.75
N GLY A 131 35.19 20.85 10.29
CA GLY A 131 34.46 21.82 9.50
C GLY A 131 32.95 21.80 9.65
N THR A 132 32.40 20.89 10.44
CA THR A 132 30.96 20.78 10.60
C THR A 132 30.62 20.85 12.07
N ALA A 133 29.38 21.25 12.36
CA ALA A 133 28.88 21.29 13.72
C ALA A 133 27.50 20.64 13.74
N SER A 134 27.33 19.64 14.59
CA SER A 134 26.06 19.00 14.85
C SER A 134 25.63 19.35 16.26
N VAL A 135 24.41 19.85 16.39
CA VAL A 135 23.82 20.13 17.70
C VAL A 135 22.68 19.14 17.87
N VAL A 136 22.64 18.46 19.01
CA VAL A 136 21.68 17.37 19.19
C VAL A 136 20.74 17.68 20.35
N CYS A 137 19.46 17.45 20.13
CA CYS A 137 18.44 17.56 21.17
C CYS A 137 17.81 16.19 21.33
N LEU A 138 17.70 15.74 22.57
CA LEU A 138 17.18 14.43 22.93
C LEU A 138 15.92 14.60 23.76
N LEU A 139 14.85 13.89 23.36
CA LEU A 139 13.63 13.74 24.12
C LEU A 139 13.55 12.28 24.54
N ASN A 140 13.62 12.02 25.84
CA ASN A 140 13.74 10.68 26.36
C ASN A 140 12.45 10.23 27.04
N ASN A 141 11.98 9.04 26.62
CA ASN A 141 10.98 8.21 27.30
C ASN A 141 9.65 8.95 27.51
N PHE A 142 8.99 9.23 26.40
CA PHE A 142 7.73 9.96 26.46
C PHE A 142 6.59 9.21 25.76
N TYR A 143 5.38 9.62 26.10
CA TYR A 143 4.14 9.12 25.48
C TYR A 143 3.07 10.18 25.67
N PRO A 144 2.23 10.48 24.66
CA PRO A 144 2.15 9.84 23.36
C PRO A 144 3.24 10.26 22.41
N ARG A 145 3.15 9.77 21.17
CA ARG A 145 4.21 9.99 20.19
C ARG A 145 4.33 11.45 19.74
N GLU A 146 3.21 12.18 19.61
CA GLU A 146 3.26 13.49 18.98
C GLU A 146 4.13 14.42 19.79
N ALA A 147 5.07 15.09 19.11
CA ALA A 147 5.96 16.02 19.79
C ALA A 147 6.49 17.01 18.78
N LYS A 148 6.68 18.24 19.23
CA LYS A 148 7.23 19.29 18.39
C LYS A 148 8.56 19.72 18.97
N VAL A 149 9.59 19.73 18.13
CA VAL A 149 10.91 20.22 18.51
C VAL A 149 11.28 21.36 17.58
N GLN A 150 11.55 22.53 18.15
CA GLN A 150 11.96 23.68 17.38
C GLN A 150 13.36 24.11 17.79
N TRP A 151 14.18 24.43 16.79
CA TRP A 151 15.51 24.96 17.00
C TRP A 151 15.51 26.48 16.86
N LYS A 152 16.18 27.15 17.78
CA LYS A 152 16.39 28.60 17.71
C LYS A 152 17.89 28.85 17.85
N VAL A 153 18.45 29.65 16.94
CA VAL A 153 19.83 30.11 17.02
C VAL A 153 19.80 31.64 17.10
N ASP A 154 20.19 32.17 18.25
CA ASP A 154 20.13 33.63 18.53
C ASP A 154 18.69 34.08 18.22
N ASN A 155 17.69 33.38 18.81
CA ASN A 155 16.25 33.57 18.59
C ASN A 155 15.65 33.32 17.17
N ALA A 156 16.43 32.91 16.17
CA ALA A 156 15.95 32.72 14.78
C ALA A 156 15.51 31.28 14.64
N LEU A 157 14.23 31.08 14.45
CA LEU A 157 13.74 29.75 14.13
C LEU A 157 14.49 29.18 12.94
N GLN A 158 14.94 27.93 13.06
CA GLN A 158 15.70 27.27 12.02
C GLN A 158 14.76 26.42 11.17
N SER A 159 14.85 26.58 9.86
CA SER A 159 14.06 25.84 8.91
C SER A 159 15.01 25.07 7.99
N GLY A 160 14.70 23.80 7.73
CA GLY A 160 15.34 23.06 6.67
C GLY A 160 16.71 22.50 6.97
N ASN A 161 17.22 22.63 8.20
CA ASN A 161 18.58 22.22 8.52
C ASN A 161 18.63 21.29 9.74
N SER A 162 17.51 20.63 10.08
CA SER A 162 17.49 19.59 11.12
C SER A 162 16.80 18.35 10.61
N GLN A 163 17.17 17.23 11.23
CA GLN A 163 16.54 15.95 10.95
C GLN A 163 16.21 15.26 12.25
N GLU A 164 15.05 14.57 12.27
CA GLU A 164 14.58 13.87 13.46
C GLU A 164 14.64 12.37 13.24
N SER A 165 14.86 11.66 14.34
CA SER A 165 14.76 10.23 14.37
C SER A 165 14.07 9.76 15.65
N VAL A 166 13.20 8.79 15.54
CA VAL A 166 12.44 8.32 16.68
C VAL A 166 12.67 6.82 16.82
N THR A 167 12.80 6.39 18.08
CA THR A 167 12.91 4.97 18.37
C THR A 167 11.56 4.27 18.16
N GLU A 168 11.62 2.94 18.01
CA GLU A 168 10.38 2.18 18.08
C GLU A 168 9.89 2.17 19.51
N GLN A 169 8.57 1.98 19.66
CA GLN A 169 8.00 1.93 21.00
C GLN A 169 8.70 0.86 21.84
N ASP A 170 9.02 1.22 23.07
CA ASP A 170 9.66 0.27 23.98
C ASP A 170 8.72 -0.88 24.37
N SER A 171 9.25 -2.09 24.37
CA SER A 171 8.43 -3.27 24.59
C SER A 171 8.10 -3.54 26.05
N LYS A 172 8.72 -2.83 26.99
CA LYS A 172 8.39 -2.97 28.40
C LYS A 172 7.60 -1.79 28.93
N ASP A 173 8.04 -0.56 28.66
CA ASP A 173 7.41 0.63 29.22
C ASP A 173 6.62 1.45 28.21
N SER A 174 6.57 1.04 26.96
CA SER A 174 5.69 1.60 25.94
C SER A 174 5.96 3.07 25.63
N THR A 175 7.17 3.54 25.89
CA THR A 175 7.54 4.92 25.60
C THR A 175 8.31 5.02 24.31
N TYR A 176 8.48 6.24 23.85
CA TYR A 176 9.27 6.63 22.70
C TYR A 176 10.42 7.50 23.16
N SER A 177 11.46 7.57 22.34
CA SER A 177 12.47 8.61 22.47
C SER A 177 12.74 9.16 21.08
N LEU A 178 13.25 10.39 21.06
CA LEU A 178 13.41 11.11 19.81
C LEU A 178 14.67 11.97 19.87
N SER A 179 15.38 12.02 18.74
CA SER A 179 16.51 12.93 18.56
C SER A 179 16.22 13.90 17.43
N SER A 180 16.65 15.14 17.62
CA SER A 180 16.64 16.13 16.56
C SER A 180 18.07 16.62 16.44
N THR A 181 18.60 16.63 15.22
CA THR A 181 19.97 17.05 14.96
C THR A 181 19.96 18.24 14.01
N LEU A 182 20.54 19.35 14.45
CA LEU A 182 20.72 20.58 13.70
C LEU A 182 22.13 20.58 13.14
N THR A 183 22.27 20.76 11.84
CA THR A 183 23.58 20.74 11.19
C THR A 183 23.90 22.13 10.66
N LEU A 184 25.05 22.66 11.08
CA LEU A 184 25.55 23.95 10.66
C LEU A 184 26.98 23.78 10.15
N SER A 185 27.39 24.67 9.23
CA SER A 185 28.81 24.77 8.91
C SER A 185 29.55 25.30 10.13
N LYS A 186 30.85 25.00 10.20
CA LYS A 186 31.67 25.54 11.29
C LYS A 186 31.59 27.06 11.34
N ALA A 187 31.70 27.71 10.18
CA ALA A 187 31.67 29.17 10.16
C ALA A 187 30.37 29.70 10.74
N ASP A 188 29.24 29.12 10.33
CA ASP A 188 27.95 29.57 10.83
C ASP A 188 27.82 29.29 12.33
N TYR A 189 28.20 28.09 12.76
CA TYR A 189 28.13 27.79 14.19
C TYR A 189 28.92 28.81 14.99
N GLU A 190 30.07 29.17 14.49
CA GLU A 190 30.92 30.08 15.26
C GLU A 190 30.42 31.56 15.24
N LYS A 191 29.60 31.91 14.27
CA LYS A 191 29.04 33.26 14.26
C LYS A 191 28.11 33.53 15.45
N HIS A 192 27.46 32.50 15.96
CA HIS A 192 26.33 32.67 16.86
C HIS A 192 26.64 32.20 18.27
N LYS A 193 25.84 32.68 19.22
CA LYS A 193 26.06 32.44 20.63
C LYS A 193 25.04 31.47 21.23
N VAL A 194 23.74 31.75 21.10
CA VAL A 194 22.72 31.01 21.85
C VAL A 194 22.09 29.93 20.97
N TYR A 195 22.18 28.68 21.41
CA TYR A 195 21.60 27.53 20.73
C TYR A 195 20.55 26.94 21.66
N ALA A 196 19.33 26.77 21.15
CA ALA A 196 18.21 26.34 21.98
C ALA A 196 17.30 25.38 21.24
N CYS A 197 16.86 24.36 21.99
CA CYS A 197 15.86 23.39 21.57
C CYS A 197 14.62 23.63 22.43
N GLU A 198 13.47 23.82 21.78
CA GLU A 198 12.20 24.03 22.46
C GLU A 198 11.26 22.87 22.12
N VAL A 199 10.74 22.23 23.16
CA VAL A 199 9.96 21.01 23.03
C VAL A 199 8.55 21.25 23.53
N THR A 200 7.57 20.88 22.70
CA THR A 200 6.17 20.89 23.04
C THR A 200 5.65 19.45 23.04
N HIS A 201 4.89 19.10 24.08
CA HIS A 201 4.38 17.73 24.26
C HIS A 201 3.26 17.76 25.29
N GLN A 202 2.27 16.90 25.09
CA GLN A 202 1.10 16.89 25.97
C GLN A 202 1.48 16.72 27.43
N GLY A 203 2.60 16.06 27.72
CA GLY A 203 2.99 15.85 29.11
C GLY A 203 3.60 17.04 29.80
N LEU A 204 3.87 18.10 29.06
CA LEU A 204 4.55 19.28 29.58
C LEU A 204 3.52 20.39 29.76
N SER A 205 3.44 20.95 30.97
CA SER A 205 2.49 22.03 31.24
C SER A 205 2.74 23.25 30.34
N SER A 206 4.00 23.52 30.02
CA SER A 206 4.40 24.57 29.10
C SER A 206 5.61 24.07 28.33
N PRO A 207 5.90 24.63 27.16
CA PRO A 207 7.05 24.14 26.38
C PRO A 207 8.34 24.26 27.17
N VAL A 208 9.23 23.28 26.97
CA VAL A 208 10.48 23.22 27.70
C VAL A 208 11.60 23.62 26.77
N THR A 209 12.46 24.51 27.22
CA THR A 209 13.62 24.93 26.43
C THR A 209 14.91 24.50 27.13
N LYS A 210 15.79 23.86 26.38
CA LYS A 210 17.15 23.59 26.82
C LYS A 210 18.08 24.36 25.89
N SER A 211 19.07 25.05 26.46
CA SER A 211 19.93 25.90 25.65
C SER A 211 21.35 25.85 26.19
N PHE A 212 22.29 26.27 25.34
CA PHE A 212 23.65 26.55 25.76
C PHE A 212 24.12 27.78 25.00
N ASN A 213 25.15 28.44 25.56
CA ASN A 213 25.86 29.53 24.90
C ASN A 213 27.17 28.98 24.36
N ARG A 214 27.42 29.19 23.06
CA ARG A 214 28.60 28.59 22.43
C ARG A 214 29.87 28.86 23.23
N GLY A 215 29.98 30.06 23.81
CA GLY A 215 31.01 30.26 24.80
C GLY A 215 30.84 29.27 25.96
N GLU B 6 18.96 -27.99 17.65
CA GLU B 6 17.90 -27.04 17.34
C GLU B 6 17.91 -26.69 15.87
N VAL B 7 16.75 -26.27 15.36
CA VAL B 7 16.66 -25.83 13.97
C VAL B 7 17.37 -24.49 13.86
N GLN B 8 18.23 -24.35 12.85
CA GLN B 8 18.94 -23.10 12.61
C GLN B 8 19.00 -22.82 11.12
N LEU B 9 18.80 -21.56 10.77
CA LEU B 9 19.02 -21.06 9.42
C LEU B 9 19.95 -19.87 9.56
N VAL B 10 21.04 -19.85 8.78
CA VAL B 10 22.02 -18.76 8.86
C VAL B 10 22.29 -18.23 7.46
N GLU B 11 21.91 -16.97 7.22
CA GLU B 11 22.15 -16.33 5.93
C GLU B 11 23.54 -15.70 5.89
N SER B 12 24.10 -15.64 4.69
CA SER B 12 25.30 -14.88 4.43
C SER B 12 25.32 -14.43 2.97
N GLY B 13 26.25 -13.55 2.66
CA GLY B 13 26.53 -13.14 1.30
C GLY B 13 26.05 -11.74 0.95
N GLY B 14 25.31 -11.09 1.82
CA GLY B 14 24.79 -9.78 1.52
C GLY B 14 25.91 -8.74 1.44
N GLY B 15 25.50 -7.49 1.24
CA GLY B 15 26.41 -6.38 1.21
C GLY B 15 26.03 -5.44 0.10
N LEU B 16 26.96 -4.55 -0.21
CA LEU B 16 26.76 -3.51 -1.19
C LEU B 16 27.15 -3.98 -2.59
N VAL B 17 26.33 -3.65 -3.57
CA VAL B 17 26.58 -4.06 -4.94
C VAL B 17 26.08 -2.95 -5.86
N GLN B 18 26.78 -2.77 -6.97
CA GLN B 18 26.37 -1.74 -7.92
C GLN B 18 25.17 -2.19 -8.74
N PRO B 19 24.37 -1.25 -9.21
CA PRO B 19 23.28 -1.60 -10.12
C PRO B 19 23.81 -2.38 -11.31
N GLY B 20 23.07 -3.42 -11.69
CA GLY B 20 23.49 -4.33 -12.71
C GLY B 20 24.40 -5.43 -12.24
N GLY B 21 24.85 -5.38 -10.98
CA GLY B 21 25.76 -6.37 -10.45
C GLY B 21 25.06 -7.65 -10.03
N SER B 22 25.87 -8.55 -9.48
CA SER B 22 25.40 -9.87 -9.09
C SER B 22 25.87 -10.15 -7.67
N LEU B 23 25.07 -10.90 -6.94
CA LEU B 23 25.42 -11.34 -5.60
C LEU B 23 24.87 -12.75 -5.44
N ARG B 24 25.49 -13.56 -4.58
CA ARG B 24 24.92 -14.86 -4.23
C ARG B 24 24.77 -14.94 -2.72
N LEU B 25 23.53 -15.12 -2.27
CA LEU B 25 23.25 -15.39 -0.86
C LEU B 25 23.24 -16.89 -0.58
N SER B 26 23.63 -17.22 0.66
CA SER B 26 23.62 -18.58 1.17
C SER B 26 22.77 -18.65 2.42
N CYS B 27 22.15 -19.81 2.63
CA CYS B 27 21.35 -20.12 3.80
C CYS B 27 21.77 -21.50 4.25
N ALA B 28 22.56 -21.56 5.33
CA ALA B 28 23.07 -22.78 5.90
C ALA B 28 22.06 -23.27 6.92
N ALA B 29 21.51 -24.46 6.68
CA ALA B 29 20.49 -25.03 7.54
C ALA B 29 21.09 -26.11 8.43
N SER B 30 20.55 -26.18 9.64
CA SER B 30 20.98 -27.15 10.64
C SER B 30 19.77 -27.64 11.42
N GLY B 31 19.84 -28.88 11.90
CA GLY B 31 18.87 -29.31 12.88
C GLY B 31 17.56 -29.81 12.33
N PHE B 32 17.43 -29.99 11.02
CA PHE B 32 16.23 -30.60 10.49
C PHE B 32 16.59 -31.33 9.21
N ASN B 33 15.62 -32.08 8.71
CA ASN B 33 15.78 -32.88 7.51
C ASN B 33 15.64 -32.00 6.28
N PHE B 34 16.79 -31.61 5.73
CA PHE B 34 16.81 -30.66 4.63
C PHE B 34 16.13 -31.22 3.39
N TYR B 35 16.37 -32.49 3.06
CA TYR B 35 15.66 -33.06 1.93
C TYR B 35 14.17 -32.94 2.14
N SER B 36 13.75 -33.06 3.39
CA SER B 36 12.35 -33.04 3.79
C SER B 36 11.92 -31.66 4.26
N SER B 37 12.10 -30.69 3.36
CA SER B 37 11.74 -29.31 3.67
C SER B 37 11.48 -28.54 2.38
N TYR B 38 10.95 -27.34 2.56
CA TYR B 38 10.88 -26.34 1.51
C TYR B 38 11.64 -25.15 2.05
N ILE B 39 12.45 -24.53 1.19
CA ILE B 39 13.22 -23.35 1.61
C ILE B 39 12.69 -22.18 0.83
N HIS B 40 12.48 -21.05 1.52
CA HIS B 40 11.94 -19.85 0.94
C HIS B 40 12.89 -18.69 1.21
N TRP B 41 12.94 -17.77 0.28
CA TRP B 41 13.54 -16.46 0.51
C TRP B 41 12.43 -15.43 0.47
N VAL B 42 12.47 -14.55 1.47
CA VAL B 42 11.49 -13.49 1.72
C VAL B 42 12.30 -12.24 2.01
N ARG B 43 11.93 -11.11 1.40
CA ARG B 43 12.73 -9.89 1.60
C ARG B 43 11.85 -8.76 2.14
N GLN B 44 12.52 -7.77 2.69
CA GLN B 44 11.84 -6.62 3.29
C GLN B 44 12.62 -5.36 2.99
N ALA B 45 12.09 -4.53 2.12
CA ALA B 45 12.71 -3.25 1.80
C ALA B 45 12.62 -2.37 3.03
N PRO B 46 13.59 -1.42 3.21
CA PRO B 46 13.60 -0.63 4.43
C PRO B 46 12.28 0.07 4.71
N GLY B 47 11.71 -0.19 5.88
CA GLY B 47 10.45 0.42 6.26
C GLY B 47 9.22 -0.15 5.60
N LYS B 48 9.35 -1.23 4.84
CA LYS B 48 8.22 -1.75 4.06
C LYS B 48 7.84 -3.13 4.58
N GLY B 49 6.92 -3.79 3.86
CA GLY B 49 6.42 -5.08 4.28
C GLY B 49 7.23 -6.27 3.76
N LEU B 50 6.72 -7.45 4.03
CA LEU B 50 7.36 -8.70 3.61
C LEU B 50 6.95 -9.03 2.18
N GLU B 51 7.90 -9.52 1.39
CA GLU B 51 7.67 -9.91 0.01
C GLU B 51 8.38 -11.25 -0.24
N TRP B 52 7.61 -12.26 -0.59
CA TRP B 52 8.18 -13.55 -0.97
C TRP B 52 8.93 -13.40 -2.28
N VAL B 53 10.10 -14.02 -2.36
CA VAL B 53 10.99 -13.93 -3.51
C VAL B 53 11.07 -15.25 -4.29
N ALA B 54 11.35 -16.35 -3.59
CA ALA B 54 11.52 -17.62 -4.28
C ALA B 54 11.39 -18.77 -3.30
N SER B 55 11.11 -19.94 -3.86
CA SER B 55 11.04 -21.17 -3.07
C SER B 55 11.67 -22.33 -3.83
N ILE B 56 12.15 -23.31 -3.07
CA ILE B 56 12.72 -24.53 -3.66
C ILE B 56 12.38 -25.74 -2.78
N SER B 57 12.09 -26.85 -3.46
CA SER B 57 12.02 -28.15 -2.85
C SER B 57 13.32 -28.88 -3.14
N PRO B 58 14.19 -29.11 -2.15
CA PRO B 58 15.45 -29.82 -2.43
C PRO B 58 15.20 -31.22 -2.96
N TYR B 59 14.09 -31.85 -2.58
CA TYR B 59 13.87 -33.23 -2.97
C TYR B 59 13.49 -33.34 -4.46
N SER B 60 12.48 -32.59 -4.89
CA SER B 60 12.11 -32.62 -6.30
C SER B 60 12.96 -31.70 -7.15
N GLY B 61 13.56 -30.65 -6.57
CA GLY B 61 14.24 -29.62 -7.33
C GLY B 61 13.33 -28.57 -7.90
N SER B 62 12.03 -28.67 -7.64
CA SER B 62 11.07 -27.70 -8.12
C SER B 62 11.41 -26.33 -7.54
N THR B 63 11.20 -25.30 -8.35
CA THR B 63 11.45 -23.93 -7.93
C THR B 63 10.28 -23.03 -8.34
N SER B 64 10.16 -21.93 -7.61
CA SER B 64 9.16 -20.90 -7.94
C SER B 64 9.71 -19.52 -7.60
N TYR B 65 9.26 -18.54 -8.37
CA TYR B 65 9.77 -17.17 -8.26
C TYR B 65 8.67 -16.14 -8.33
N ALA B 66 8.85 -15.04 -7.59
CA ALA B 66 8.00 -13.88 -7.75
C ALA B 66 8.23 -13.25 -9.12
N ASP B 67 7.16 -12.70 -9.69
CA ASP B 67 7.28 -12.08 -11.00
C ASP B 67 8.33 -10.97 -10.98
N SER B 68 8.53 -10.33 -9.83
CA SER B 68 9.45 -9.21 -9.74
C SER B 68 10.91 -9.63 -9.91
N VAL B 69 11.22 -10.92 -9.82
CA VAL B 69 12.61 -11.38 -9.91
C VAL B 69 12.81 -12.46 -10.96
N LYS B 70 11.73 -12.93 -11.61
CA LYS B 70 11.87 -14.01 -12.59
C LYS B 70 12.84 -13.62 -13.70
N GLY B 71 13.73 -14.55 -14.05
CA GLY B 71 14.75 -14.29 -15.05
C GLY B 71 16.01 -13.63 -14.54
N ARG B 72 15.94 -13.00 -13.37
CA ARG B 72 17.13 -12.40 -12.77
C ARG B 72 17.69 -13.20 -11.62
N PHE B 73 16.83 -13.85 -10.83
CA PHE B 73 17.25 -14.59 -9.65
C PHE B 73 17.10 -16.08 -9.92
N THR B 74 17.98 -16.87 -9.30
CA THR B 74 17.94 -18.32 -9.37
C THR B 74 18.14 -18.89 -7.98
N ILE B 75 17.22 -19.74 -7.54
CA ILE B 75 17.32 -20.40 -6.24
C ILE B 75 17.81 -21.82 -6.49
N SER B 76 18.70 -22.30 -5.62
CA SER B 76 19.23 -23.65 -5.78
C SER B 76 19.57 -24.21 -4.41
N ALA B 77 19.88 -25.51 -4.37
CA ALA B 77 20.23 -26.10 -3.09
C ALA B 77 21.29 -27.16 -3.32
N ASP B 78 22.15 -27.31 -2.32
CA ASP B 78 23.18 -28.34 -2.26
C ASP B 78 22.87 -29.18 -1.02
N THR B 79 22.21 -30.32 -1.26
CA THR B 79 21.79 -31.19 -0.17
C THR B 79 22.99 -31.79 0.55
N SER B 80 24.12 -31.99 -0.13
CA SER B 80 25.31 -32.47 0.56
C SER B 80 25.81 -31.45 1.56
N LYS B 81 25.43 -30.18 1.37
CA LYS B 81 25.82 -29.10 2.24
C LYS B 81 24.67 -28.54 3.11
N ASN B 82 23.49 -29.11 3.01
CA ASN B 82 22.32 -28.57 3.69
C ASN B 82 22.28 -27.06 3.50
N THR B 83 22.51 -26.62 2.27
CA THR B 83 22.57 -25.18 2.01
C THR B 83 21.69 -24.83 0.83
N ALA B 84 21.00 -23.69 0.94
CA ALA B 84 20.26 -23.16 -0.17
C ALA B 84 20.92 -21.85 -0.59
N TYR B 85 20.78 -21.52 -1.87
CA TYR B 85 21.40 -20.34 -2.44
C TYR B 85 20.39 -19.52 -3.22
N LEU B 86 20.64 -18.21 -3.25
CA LEU B 86 19.86 -17.27 -4.07
C LEU B 86 20.89 -16.49 -4.90
N GLN B 87 21.01 -16.85 -6.17
CA GLN B 87 21.84 -16.08 -7.10
C GLN B 87 21.01 -14.92 -7.65
N MET B 88 21.50 -13.71 -7.48
CA MET B 88 20.81 -12.49 -7.89
C MET B 88 21.62 -11.77 -8.94
N ASN B 89 21.07 -11.67 -10.15
CA ASN B 89 21.73 -10.99 -11.26
C ASN B 89 20.98 -9.72 -11.63
N SER B 90 21.67 -8.82 -12.33
CA SER B 90 21.06 -7.61 -12.85
C SER B 90 20.28 -6.90 -11.75
N LEU B 91 20.94 -6.69 -10.62
CA LEU B 91 20.29 -6.13 -9.46
C LEU B 91 19.92 -4.67 -9.71
N ARG B 92 18.82 -4.26 -9.12
CA ARG B 92 18.31 -2.91 -9.23
C ARG B 92 18.20 -2.30 -7.85
N ALA B 93 18.08 -0.97 -7.83
CA ALA B 93 17.92 -0.24 -6.58
C ALA B 93 16.75 -0.81 -5.77
N GLU B 94 15.66 -1.15 -6.44
CA GLU B 94 14.48 -1.67 -5.75
C GLU B 94 14.70 -3.05 -5.16
N ASP B 95 15.80 -3.74 -5.47
CA ASP B 95 16.07 -5.00 -4.79
C ASP B 95 16.72 -4.79 -3.43
N THR B 96 17.03 -3.54 -3.06
CA THR B 96 17.62 -3.25 -1.76
C THR B 96 16.66 -3.67 -0.66
N ALA B 97 17.13 -4.51 0.26
CA ALA B 97 16.25 -5.11 1.25
C ALA B 97 17.04 -6.00 2.19
N VAL B 98 16.44 -6.31 3.35
CA VAL B 98 16.90 -7.43 4.16
C VAL B 98 16.30 -8.68 3.56
N TYR B 99 17.14 -9.67 3.29
CA TYR B 99 16.72 -10.95 2.74
C TYR B 99 16.78 -12.00 3.85
N TYR B 100 15.65 -12.65 4.08
CA TYR B 100 15.51 -13.74 5.04
C TYR B 100 15.35 -15.07 4.32
N CYS B 101 16.00 -16.10 4.87
CA CYS B 101 15.71 -17.50 4.56
C CYS B 101 14.74 -18.04 5.60
N ALA B 102 13.79 -18.87 5.17
CA ALA B 102 12.84 -19.48 6.08
C ALA B 102 12.46 -20.84 5.54
N ARG B 103 11.86 -21.65 6.40
CA ARG B 103 11.58 -23.01 5.97
C ARG B 103 10.13 -23.41 6.26
N TYR B 104 9.62 -24.34 5.44
CA TYR B 104 8.53 -25.22 5.80
C TYR B 104 9.14 -26.58 6.12
N SER B 105 8.74 -27.17 7.23
CA SER B 105 8.98 -28.59 7.39
C SER B 105 8.03 -29.38 6.51
N TRP B 106 8.49 -30.53 6.06
CA TRP B 106 7.60 -31.40 5.29
C TRP B 106 6.46 -31.90 6.18
N PRO B 107 5.22 -31.97 5.64
CA PRO B 107 4.76 -31.60 4.31
C PRO B 107 4.17 -30.20 4.22
N TRP B 108 4.12 -29.69 3.00
CA TRP B 108 3.43 -28.43 2.75
C TRP B 108 1.98 -28.53 3.20
N VAL B 109 1.31 -29.65 2.88
CA VAL B 109 -0.06 -29.81 3.34
C VAL B 109 -0.37 -31.29 3.49
N SER B 110 -1.01 -31.59 4.58
CA SER B 110 -1.51 -32.95 4.83
C SER B 110 -3.06 -32.90 5.05
N TYR B 111 -3.68 -34.08 5.02
CA TYR B 111 -5.13 -34.26 5.26
C TYR B 111 -5.51 -35.56 6.03
N LYS B 112 -6.20 -35.44 7.16
CA LYS B 112 -6.74 -36.58 7.94
C LYS B 112 -8.23 -36.30 8.12
N PRO B 113 -9.07 -37.28 7.82
CA PRO B 113 -10.50 -37.06 7.99
C PRO B 113 -10.85 -36.37 9.36
N TYR B 114 -10.28 -36.83 10.47
CA TYR B 114 -10.64 -36.21 11.79
C TYR B 114 -10.28 -34.64 11.83
N TYR B 115 -9.03 -34.29 11.48
CA TYR B 115 -8.48 -32.88 11.63
C TYR B 115 -8.66 -31.98 10.38
N GLY B 116 -8.90 -32.56 9.21
CA GLY B 116 -9.04 -31.70 8.05
C GLY B 116 -7.70 -31.48 7.37
N LEU B 117 -7.63 -30.39 6.62
CA LEU B 117 -6.40 -29.98 5.96
C LEU B 117 -5.50 -29.29 6.97
N HIS B 118 -4.20 -29.51 6.85
CA HIS B 118 -3.20 -28.94 7.75
C HIS B 118 -2.11 -28.36 6.84
N PHE B 119 -2.00 -27.05 6.82
CA PHE B 119 -0.99 -26.36 6.03
C PHE B 119 0.21 -25.97 6.88
N SER B 120 1.40 -26.07 6.30
CA SER B 120 2.62 -25.67 6.96
C SER B 120 2.73 -24.14 6.99
N ALA B 121 3.63 -23.65 7.82
CA ALA B 121 3.95 -22.24 7.85
C ALA B 121 5.44 -22.08 8.14
N MET B 122 5.93 -20.83 8.04
CA MET B 122 7.36 -20.55 8.18
C MET B 122 7.67 -20.44 9.67
N ASP B 123 8.01 -21.58 10.30
CA ASP B 123 8.24 -21.59 11.74
C ASP B 123 9.65 -21.16 12.15
N TYR B 124 10.64 -21.32 11.29
CA TYR B 124 12.00 -20.86 11.54
C TYR B 124 12.47 -20.00 10.38
N TRP B 125 13.12 -18.91 10.78
CA TRP B 125 13.64 -17.88 9.91
C TRP B 125 15.10 -17.63 10.26
N GLY B 126 15.90 -17.24 9.27
CA GLY B 126 17.22 -16.70 9.55
C GLY B 126 17.12 -15.30 10.10
N GLN B 127 18.26 -14.75 10.47
CA GLN B 127 18.35 -13.39 11.01
C GLN B 127 18.26 -12.32 9.93
N GLY B 128 18.42 -12.70 8.67
CA GLY B 128 18.38 -11.76 7.58
C GLY B 128 19.75 -11.22 7.24
N THR B 129 19.92 -10.86 5.98
CA THR B 129 21.17 -10.25 5.53
C THR B 129 20.80 -9.09 4.62
N LEU B 130 21.47 -7.95 4.82
CA LEU B 130 21.11 -6.74 4.09
C LEU B 130 21.82 -6.69 2.74
N VAL B 131 21.05 -6.47 1.69
CA VAL B 131 21.59 -6.22 0.35
C VAL B 131 21.28 -4.77 0.00
N THR B 132 22.33 -4.02 -0.32
CA THR B 132 22.19 -2.62 -0.70
C THR B 132 22.65 -2.50 -2.16
N VAL B 133 21.76 -2.04 -3.05
CA VAL B 133 22.10 -1.87 -4.46
C VAL B 133 22.26 -0.38 -4.72
N SER B 134 23.51 0.08 -4.90
CA SER B 134 23.78 1.50 -4.98
C SER B 134 25.13 1.69 -5.67
N SER B 135 25.30 2.86 -6.30
CA SER B 135 26.59 3.24 -6.85
C SER B 135 27.47 3.96 -5.84
N ALA B 136 26.93 4.34 -4.71
CA ALA B 136 27.70 5.08 -3.73
C ALA B 136 28.82 4.22 -3.17
N SER B 137 29.91 4.89 -2.79
CA SER B 137 31.10 4.23 -2.30
C SER B 137 31.02 4.02 -0.79
N THR B 138 31.60 2.91 -0.34
CA THR B 138 31.69 2.62 1.09
C THR B 138 32.51 3.71 1.79
N LYS B 139 32.03 4.11 2.97
CA LYS B 139 32.69 5.11 3.79
C LYS B 139 32.44 4.79 5.26
N GLY B 140 33.51 4.74 6.04
CA GLY B 140 33.41 4.50 7.46
C GLY B 140 33.02 5.76 8.21
N PRO B 141 32.43 5.59 9.40
CA PRO B 141 31.92 6.74 10.15
C PRO B 141 33.00 7.47 10.93
N SER B 142 32.71 8.73 11.23
CA SER B 142 33.38 9.46 12.29
C SER B 142 32.52 9.35 13.55
N VAL B 143 33.16 9.27 14.70
CA VAL B 143 32.46 9.11 15.98
C VAL B 143 32.80 10.27 16.90
N PHE B 144 31.78 10.94 17.41
CA PHE B 144 31.96 12.10 18.27
C PHE B 144 31.19 11.92 19.58
N PRO B 145 31.71 12.40 20.70
CA PRO B 145 30.98 12.27 21.95
C PRO B 145 29.87 13.31 22.09
N LEU B 146 28.77 12.89 22.71
CA LEU B 146 27.70 13.74 23.19
C LEU B 146 27.93 13.77 24.71
N ALA B 147 28.68 14.75 25.15
CA ALA B 147 29.14 14.72 26.53
C ALA B 147 28.02 15.12 27.49
N PRO B 148 27.99 14.53 28.68
CA PRO B 148 26.95 14.90 29.65
C PRO B 148 27.12 16.35 30.09
N SER B 149 26.00 17.03 30.25
CA SER B 149 26.00 18.46 30.56
C SER B 149 26.56 18.74 31.96
N SER B 150 27.35 19.82 32.04
CA SER B 150 27.88 20.26 33.33
C SER B 150 26.75 20.68 34.28
N LYS B 151 25.64 21.18 33.74
CA LYS B 151 24.53 21.60 34.64
C LYS B 151 23.90 20.34 35.20
N SER B 152 24.72 19.59 35.92
CA SER B 152 24.36 18.28 36.45
C SER B 152 23.22 18.30 37.41
N THR B 153 22.15 17.57 37.06
CA THR B 153 21.01 17.35 37.94
C THR B 153 21.51 16.61 39.16
N SER B 154 21.52 17.26 40.33
CA SER B 154 22.14 16.72 41.52
C SER B 154 21.80 15.26 41.80
N GLY B 155 20.57 15.00 42.19
CA GLY B 155 20.14 13.67 42.59
C GLY B 155 19.28 13.02 41.52
N GLY B 156 19.43 13.50 40.29
CA GLY B 156 18.62 13.00 39.19
C GLY B 156 19.40 12.31 38.11
N THR B 157 19.01 12.52 36.85
CA THR B 157 19.54 11.77 35.73
C THR B 157 20.23 12.65 34.71
N ALA B 158 21.31 12.12 34.16
CA ALA B 158 22.12 12.74 33.12
C ALA B 158 22.00 11.89 31.86
N ALA B 159 22.26 12.52 30.72
CA ALA B 159 22.29 11.81 29.45
C ALA B 159 23.63 12.05 28.78
N LEU B 160 24.13 11.03 28.10
CA LEU B 160 25.35 11.15 27.31
C LEU B 160 25.18 10.23 26.11
N GLY B 161 26.10 10.33 25.15
CA GLY B 161 25.96 9.54 23.95
C GLY B 161 27.12 9.66 23.00
N CYS B 162 26.89 9.13 21.80
CA CYS B 162 27.87 9.16 20.72
C CYS B 162 27.11 9.45 19.44
N LEU B 163 27.66 10.35 18.64
CA LEU B 163 27.16 10.68 17.31
C LEU B 163 28.03 9.93 16.31
N VAL B 164 27.39 9.14 15.45
CA VAL B 164 28.06 8.32 14.45
C VAL B 164 27.69 8.89 13.09
N LYS B 165 28.63 9.57 12.43
CA LYS B 165 28.29 10.47 11.35
C LYS B 165 29.00 10.07 10.07
N ASP B 166 28.28 10.20 8.95
CA ASP B 166 28.84 10.18 7.61
C ASP B 166 29.39 8.82 7.21
N TYR B 167 28.52 7.82 7.15
CA TYR B 167 28.94 6.49 6.74
C TYR B 167 28.01 5.95 5.66
N PHE B 168 28.52 4.93 4.94
CA PHE B 168 27.73 4.27 3.91
C PHE B 168 28.37 2.91 3.64
N PRO B 169 27.60 1.86 3.44
CA PRO B 169 26.16 1.72 3.56
C PRO B 169 25.76 1.45 5.01
N GLU B 170 24.49 1.20 5.24
CA GLU B 170 24.10 0.60 6.50
C GLU B 170 24.64 -0.83 6.55
N PRO B 171 24.72 -1.43 7.74
CA PRO B 171 24.37 -0.88 9.05
C PRO B 171 25.60 -0.57 9.87
N VAL B 172 25.46 0.23 10.94
CA VAL B 172 26.46 0.28 12.02
C VAL B 172 25.80 -0.33 13.25
N THR B 173 26.60 -0.99 14.09
CA THR B 173 26.11 -1.39 15.41
C THR B 173 26.81 -0.58 16.49
N VAL B 174 26.07 -0.23 17.53
CA VAL B 174 26.63 0.47 18.66
C VAL B 174 26.30 -0.35 19.91
N SER B 175 27.31 -0.54 20.75
CA SER B 175 27.11 -1.09 22.07
C SER B 175 27.77 -0.14 23.04
N TRP B 176 27.45 -0.29 24.31
CA TRP B 176 28.09 0.47 25.38
C TRP B 176 28.82 -0.46 26.34
N ASN B 177 30.05 -0.08 26.71
CA ASN B 177 30.86 -0.86 27.62
C ASN B 177 30.89 -2.34 27.20
N SER B 178 31.12 -2.55 25.90
CA SER B 178 31.30 -3.88 25.28
C SER B 178 30.07 -4.76 25.43
N GLY B 179 28.90 -4.15 25.59
CA GLY B 179 27.65 -4.85 25.73
C GLY B 179 27.16 -5.03 27.15
N ALA B 180 27.94 -4.63 28.15
CA ALA B 180 27.53 -4.77 29.53
C ALA B 180 26.48 -3.76 29.96
N LEU B 181 26.38 -2.64 29.27
CA LEU B 181 25.44 -1.57 29.59
C LEU B 181 24.34 -1.59 28.54
N THR B 182 23.13 -1.95 28.97
CA THR B 182 21.99 -2.00 28.06
C THR B 182 20.79 -1.22 28.59
N SER B 183 20.68 -1.10 29.90
CA SER B 183 19.54 -0.37 30.48
C SER B 183 19.66 1.11 30.17
N GLY B 184 18.59 1.68 29.64
CA GLY B 184 18.54 3.10 29.33
C GLY B 184 19.19 3.50 28.03
N VAL B 185 19.69 2.53 27.25
CA VAL B 185 20.33 2.83 25.98
C VAL B 185 19.26 2.99 24.90
N HIS B 186 19.41 4.03 24.09
CA HIS B 186 18.60 4.23 22.90
C HIS B 186 19.52 4.49 21.73
N THR B 187 19.52 3.58 20.75
CA THR B 187 20.27 3.77 19.53
C THR B 187 19.25 4.07 18.44
N PHE B 188 19.30 5.26 17.92
CA PHE B 188 18.30 5.78 17.03
C PHE B 188 18.47 5.19 15.63
N PRO B 189 17.37 5.04 14.90
CA PRO B 189 17.49 4.68 13.48
C PRO B 189 18.32 5.70 12.73
N ALA B 190 19.15 5.23 11.82
CA ALA B 190 19.96 6.15 11.02
C ALA B 190 19.07 7.02 10.14
N VAL B 191 19.54 8.24 9.88
CA VAL B 191 18.91 9.16 8.94
C VAL B 191 19.86 9.35 7.76
N LEU B 192 19.31 9.35 6.56
CA LEU B 192 20.09 9.63 5.37
C LEU B 192 20.18 11.16 5.22
N GLN B 193 21.39 11.69 5.20
CA GLN B 193 21.60 13.14 5.11
C GLN B 193 21.49 13.61 3.66
N SER B 194 21.36 14.94 3.49
CA SER B 194 21.33 15.51 2.15
C SER B 194 22.59 15.16 1.37
N SER B 195 23.68 14.88 2.07
CA SER B 195 24.93 14.48 1.46
C SER B 195 24.88 13.10 0.84
N GLY B 196 23.89 12.27 1.18
CA GLY B 196 23.87 10.90 0.75
C GLY B 196 24.52 9.92 1.72
N LEU B 197 25.01 10.38 2.86
CA LEU B 197 25.60 9.53 3.88
C LEU B 197 24.67 9.41 5.07
N TYR B 198 24.81 8.31 5.81
CA TYR B 198 23.98 8.08 6.98
C TYR B 198 24.59 8.68 8.23
N SER B 199 23.74 9.01 9.19
CA SER B 199 24.18 9.40 10.52
C SER B 199 23.20 8.85 11.53
N LEU B 200 23.69 8.54 12.73
CA LEU B 200 22.80 8.19 13.82
C LEU B 200 23.46 8.59 15.12
N SER B 201 22.66 8.61 16.18
CA SER B 201 23.17 8.80 17.53
C SER B 201 22.74 7.63 18.40
N SER B 202 23.55 7.36 19.43
CA SER B 202 23.22 6.40 20.48
C SER B 202 23.41 7.12 21.80
N VAL B 203 22.40 7.05 22.67
CA VAL B 203 22.42 7.77 23.93
C VAL B 203 22.12 6.79 25.06
N VAL B 204 22.50 7.20 26.24
CA VAL B 204 22.17 6.46 27.46
C VAL B 204 21.91 7.47 28.56
N THR B 205 20.90 7.18 29.37
CA THR B 205 20.59 7.95 30.56
C THR B 205 21.18 7.24 31.77
N VAL B 206 21.86 7.98 32.64
CA VAL B 206 22.58 7.42 33.78
C VAL B 206 22.37 8.31 34.99
N PRO B 207 22.59 7.77 36.19
CA PRO B 207 22.57 8.63 37.38
C PRO B 207 23.57 9.77 37.26
N SER B 208 23.10 11.00 37.53
CA SER B 208 24.02 12.13 37.58
C SER B 208 25.13 11.87 38.59
N SER B 209 24.79 11.23 39.72
CA SER B 209 25.80 10.86 40.71
C SER B 209 26.97 10.12 40.12
N SER B 210 26.76 9.37 39.03
CA SER B 210 27.79 8.47 38.52
C SER B 210 28.81 9.15 37.62
N LEU B 211 28.54 10.35 37.12
CA LEU B 211 29.47 10.98 36.19
C LEU B 211 30.81 11.23 36.86
N GLY B 212 31.89 11.07 36.09
CA GLY B 212 33.23 11.26 36.60
C GLY B 212 33.77 10.17 37.50
N THR B 213 32.93 9.24 37.94
CA THR B 213 33.36 8.01 38.59
C THR B 213 33.19 6.80 37.69
N GLN B 214 32.04 6.66 37.04
CA GLN B 214 31.74 5.54 36.16
C GLN B 214 32.15 5.88 34.72
N THR B 215 32.85 4.95 34.07
CA THR B 215 33.26 5.14 32.68
C THR B 215 32.20 4.65 31.71
N TYR B 216 32.05 5.39 30.61
CA TYR B 216 31.09 5.07 29.56
C TYR B 216 31.82 5.09 28.23
N ILE B 217 31.86 3.94 27.57
CA ILE B 217 32.52 3.81 26.27
C ILE B 217 31.51 3.29 25.26
N CYS B 218 31.37 3.99 24.14
CA CYS B 218 30.56 3.50 23.04
C CYS B 218 31.45 2.78 22.02
N ASN B 219 31.07 1.56 21.69
CA ASN B 219 31.77 0.70 20.74
C ASN B 219 30.97 0.70 19.44
N VAL B 220 31.57 1.21 18.39
CA VAL B 220 30.92 1.39 17.10
C VAL B 220 31.58 0.42 16.13
N ASN B 221 30.78 -0.32 15.38
CA ASN B 221 31.30 -1.24 14.37
C ASN B 221 30.56 -0.97 13.08
N HIS B 222 31.30 -0.67 12.02
CA HIS B 222 30.79 -0.53 10.67
C HIS B 222 31.51 -1.62 9.88
N LYS B 223 30.92 -2.80 9.81
CA LYS B 223 31.57 -3.91 9.15
C LYS B 223 31.81 -3.66 7.66
N PRO B 224 30.95 -2.94 6.93
CA PRO B 224 31.22 -2.74 5.49
C PRO B 224 32.58 -2.09 5.21
N SER B 225 33.07 -1.24 6.11
CA SER B 225 34.37 -0.60 5.93
C SER B 225 35.43 -1.15 6.88
N ASN B 226 35.11 -2.20 7.65
CA ASN B 226 35.99 -2.73 8.69
C ASN B 226 36.43 -1.66 9.67
N THR B 227 35.50 -0.79 10.04
CA THR B 227 35.77 0.24 11.01
C THR B 227 35.26 -0.19 12.38
N LYS B 228 36.14 -0.18 13.36
CA LYS B 228 35.78 -0.34 14.76
C LYS B 228 36.35 0.83 15.54
N VAL B 229 35.48 1.53 16.29
CA VAL B 229 35.86 2.67 17.10
C VAL B 229 35.36 2.46 18.53
N ASP B 230 36.22 2.76 19.50
CA ASP B 230 35.84 2.81 20.91
C ASP B 230 36.03 4.24 21.40
N LYS B 231 34.94 4.90 21.77
CA LYS B 231 35.01 6.30 22.18
C LYS B 231 34.57 6.42 23.63
N LYS B 232 35.48 6.86 24.49
CA LYS B 232 35.15 7.18 25.86
C LYS B 232 34.44 8.54 25.88
N VAL B 233 33.30 8.61 26.58
CA VAL B 233 32.50 9.83 26.65
C VAL B 233 32.57 10.36 28.07
N GLU B 234 33.11 11.57 28.22
CA GLU B 234 33.44 12.17 29.50
C GLU B 234 32.85 13.57 29.58
N PRO B 235 32.60 14.08 30.78
CA PRO B 235 32.27 15.50 30.94
C PRO B 235 33.37 16.41 30.38
N LYS B 236 32.95 17.57 29.90
CA LYS B 236 33.76 18.62 29.25
C LYS B 236 33.67 18.50 27.73
N ASP C 2 6.77 14.75 2.15
CA ASP C 2 7.31 14.15 3.40
C ASP C 2 6.20 13.61 4.30
N ILE C 3 5.01 14.23 4.23
CA ILE C 3 3.93 13.86 5.13
C ILE C 3 3.18 12.66 4.56
N GLN C 4 3.09 11.60 5.34
CA GLN C 4 2.37 10.40 4.96
C GLN C 4 1.00 10.40 5.63
N MET C 5 0.02 9.82 4.92
CA MET C 5 -1.34 9.66 5.39
C MET C 5 -1.63 8.16 5.43
N THR C 6 -1.70 7.57 6.62
CA THR C 6 -1.89 6.13 6.82
C THR C 6 -3.38 5.91 7.06
N GLN C 7 -4.05 5.39 6.05
CA GLN C 7 -5.50 5.23 6.07
C GLN C 7 -5.89 3.81 6.42
N SER C 8 -6.96 3.67 7.21
CA SER C 8 -7.48 2.38 7.66
C SER C 8 -9.00 2.42 7.67
N PRO C 9 -9.67 1.28 7.40
CA PRO C 9 -9.12 0.02 6.93
C PRO C 9 -8.89 0.03 5.42
N SER C 10 -8.23 -0.97 4.87
CA SER C 10 -8.08 -1.02 3.40
C SER C 10 -9.36 -1.48 2.73
N SER C 11 -10.16 -2.30 3.42
CA SER C 11 -11.45 -2.71 2.88
C SER C 11 -12.35 -2.96 4.08
N LEU C 12 -13.65 -2.76 3.89
CA LEU C 12 -14.62 -3.16 4.89
C LEU C 12 -15.90 -3.53 4.18
N SER C 13 -16.70 -4.35 4.85
CA SER C 13 -17.98 -4.81 4.35
C SER C 13 -18.99 -4.52 5.43
N ALA C 14 -20.09 -3.87 5.06
CA ALA C 14 -21.06 -3.47 6.07
C ALA C 14 -22.48 -3.46 5.52
N SER C 15 -23.45 -3.57 6.44
CA SER C 15 -24.86 -3.70 6.06
C SER C 15 -25.52 -2.33 5.90
N VAL C 16 -26.57 -2.30 5.08
CA VAL C 16 -27.37 -1.09 4.95
C VAL C 16 -27.87 -0.67 6.32
N GLY C 17 -27.71 0.63 6.64
CA GLY C 17 -28.09 1.16 7.91
C GLY C 17 -27.00 1.23 8.96
N ASP C 18 -25.88 0.56 8.75
CA ASP C 18 -24.81 0.54 9.72
C ASP C 18 -24.07 1.89 9.77
N ARG C 19 -23.37 2.10 10.89
CA ARG C 19 -22.45 3.23 11.05
C ARG C 19 -21.05 2.76 10.67
N VAL C 20 -20.40 3.46 9.75
CA VAL C 20 -19.10 3.07 9.23
C VAL C 20 -18.11 4.20 9.55
N THR C 21 -16.91 3.80 9.97
CA THR C 21 -15.83 4.73 10.31
C THR C 21 -14.58 4.39 9.52
N ILE C 22 -13.98 5.41 8.90
CA ILE C 22 -12.73 5.30 8.15
C ILE C 22 -11.77 6.35 8.73
N THR C 23 -10.51 5.99 8.95
CA THR C 23 -9.58 6.87 9.64
C THR C 23 -8.30 7.05 8.84
N CYS C 24 -7.57 8.13 9.13
CA CYS C 24 -6.33 8.49 8.46
C CYS C 24 -5.45 9.15 9.52
N ARG C 25 -4.21 8.68 9.65
CA ARG C 25 -3.27 9.27 10.57
C ARG C 25 -2.18 9.93 9.77
N ALA C 26 -1.99 11.22 9.95
CA ALA C 26 -0.88 11.94 9.32
C ALA C 26 0.39 11.76 10.14
N SER C 27 1.53 11.65 9.44
CA SER C 27 2.82 11.36 10.09
C SER C 27 3.33 12.53 10.93
N GLN C 28 2.77 13.72 10.72
CA GLN C 28 3.07 14.91 11.49
C GLN C 28 1.86 15.82 11.35
N SER C 29 1.89 16.95 12.05
CA SER C 29 0.69 17.79 12.06
C SER C 29 0.36 18.30 10.65
N VAL C 30 -0.93 18.26 10.31
CA VAL C 30 -1.42 18.88 9.09
C VAL C 30 -2.50 19.92 9.38
N SER C 31 -2.53 20.46 10.59
CA SER C 31 -3.59 21.39 10.99
C SER C 31 -4.91 20.71 10.70
N SER C 32 -5.92 21.42 10.18
CA SER C 32 -7.17 20.79 9.76
C SER C 32 -7.30 20.68 8.24
N ALA C 33 -6.17 20.64 7.54
CA ALA C 33 -6.14 20.70 6.08
C ALA C 33 -6.35 19.32 5.47
N VAL C 34 -7.52 18.74 5.75
CA VAL C 34 -7.81 17.37 5.32
C VAL C 34 -9.17 17.33 4.62
N ALA C 35 -9.19 16.71 3.46
CA ALA C 35 -10.40 16.46 2.70
C ALA C 35 -10.60 14.94 2.57
N TRP C 36 -11.85 14.58 2.36
CA TRP C 36 -12.28 13.21 2.05
C TRP C 36 -13.06 13.19 0.73
N TYR C 37 -12.76 12.19 -0.09
CA TYR C 37 -13.33 12.01 -1.40
C TYR C 37 -13.89 10.61 -1.52
N GLN C 38 -14.89 10.48 -2.38
CA GLN C 38 -15.56 9.23 -2.70
C GLN C 38 -15.34 8.98 -4.18
N GLN C 39 -14.89 7.77 -4.55
CA GLN C 39 -14.66 7.46 -5.95
C GLN C 39 -15.38 6.17 -6.32
N LYS C 40 -16.24 6.26 -7.29
CA LYS C 40 -16.92 5.12 -7.87
C LYS C 40 -16.11 4.60 -9.05
N PRO C 41 -16.19 3.31 -9.35
CA PRO C 41 -15.28 2.73 -10.36
C PRO C 41 -15.40 3.45 -11.69
N GLY C 42 -14.25 3.82 -12.25
CA GLY C 42 -14.18 4.46 -13.55
C GLY C 42 -14.61 5.91 -13.60
N LYS C 43 -14.84 6.53 -12.45
CA LYS C 43 -15.30 7.91 -12.37
C LYS C 43 -14.29 8.76 -11.61
N ALA C 44 -14.34 10.08 -11.82
CA ALA C 44 -13.54 10.96 -11.01
C ALA C 44 -14.00 10.93 -9.55
N PRO C 45 -13.07 11.13 -8.62
CA PRO C 45 -13.46 11.31 -7.23
C PRO C 45 -14.40 12.49 -7.08
N LYS C 46 -15.26 12.40 -6.04
CA LYS C 46 -16.16 13.46 -5.61
C LYS C 46 -15.86 13.92 -4.18
N LEU C 47 -15.84 15.24 -3.99
CA LEU C 47 -15.57 15.76 -2.66
C LEU C 47 -16.75 15.48 -1.71
N LEU C 48 -16.44 14.95 -0.52
CA LEU C 48 -17.43 14.82 0.56
C LEU C 48 -17.24 15.84 1.67
N ILE C 49 -16.02 15.92 2.20
CA ILE C 49 -15.73 16.71 3.40
C ILE C 49 -14.46 17.53 3.12
N TYR C 50 -14.44 18.81 3.52
CA TYR C 50 -13.24 19.60 3.39
C TYR C 50 -12.90 20.25 4.71
N SER C 51 -11.66 20.66 4.86
CA SER C 51 -11.18 21.33 6.06
C SER C 51 -11.52 20.51 7.32
N ALA C 52 -11.32 19.21 7.18
CA ALA C 52 -11.48 18.18 8.20
C ALA C 52 -12.93 17.88 8.58
N SER C 53 -13.76 18.95 8.70
CA SER C 53 -15.09 18.73 9.27
C SER C 53 -16.24 19.41 8.52
N SER C 54 -16.00 20.09 7.40
CA SER C 54 -17.08 20.79 6.70
C SER C 54 -17.68 19.91 5.61
N LEU C 55 -19.01 19.81 5.63
CA LEU C 55 -19.74 19.06 4.61
C LEU C 55 -19.82 19.90 3.32
N TYR C 56 -19.45 19.28 2.20
CA TYR C 56 -19.51 19.94 0.91
C TYR C 56 -20.95 20.01 0.43
N SER C 57 -21.30 21.12 -0.20
CA SER C 57 -22.66 21.33 -0.68
C SER C 57 -23.15 20.17 -1.56
N GLY C 58 -24.37 19.70 -1.30
CA GLY C 58 -25.00 18.65 -2.08
C GLY C 58 -24.70 17.25 -1.59
N VAL C 59 -23.75 17.08 -0.69
CA VAL C 59 -23.41 15.78 -0.12
C VAL C 59 -24.42 15.48 0.99
N PRO C 60 -24.94 14.25 1.09
CA PRO C 60 -25.90 13.97 2.16
C PRO C 60 -25.31 14.20 3.53
N SER C 61 -26.16 14.65 4.47
CA SER C 61 -25.67 14.89 5.83
C SER C 61 -25.34 13.60 6.60
N ARG C 62 -25.55 12.41 6.00
CA ARG C 62 -25.04 11.17 6.60
C ARG C 62 -23.51 11.11 6.66
N PHE C 63 -22.83 11.94 5.88
CA PHE C 63 -21.37 11.99 5.90
C PHE C 63 -20.92 13.08 6.88
N SER C 64 -19.90 12.76 7.67
CA SER C 64 -19.32 13.77 8.55
C SER C 64 -17.83 13.49 8.79
N GLY C 65 -17.11 14.54 9.19
CA GLY C 65 -15.68 14.41 9.41
C GLY C 65 -15.26 15.05 10.72
N SER C 66 -14.19 14.49 11.29
CA SER C 66 -13.65 15.00 12.54
C SER C 66 -12.13 14.86 12.57
N ARG C 67 -11.55 15.60 13.50
CA ARG C 67 -10.12 15.63 13.74
C ARG C 67 -9.82 15.39 15.21
N SER C 68 -8.77 14.60 15.45
CA SER C 68 -8.14 14.44 16.76
C SER C 68 -6.64 14.50 16.58
N GLY C 69 -6.08 15.70 16.69
CA GLY C 69 -4.65 15.88 16.50
C GLY C 69 -4.22 15.55 15.08
N THR C 70 -3.42 14.49 14.90
CA THR C 70 -3.05 14.05 13.56
C THR C 70 -3.96 12.95 13.03
N ASP C 71 -5.01 12.58 13.78
CA ASP C 71 -5.95 11.54 13.36
C ASP C 71 -7.21 12.19 12.81
N PHE C 72 -7.69 11.68 11.70
CA PHE C 72 -8.88 12.21 11.03
C PHE C 72 -9.82 11.07 10.77
N THR C 73 -11.12 11.32 10.94
CA THR C 73 -12.12 10.28 10.76
C THR C 73 -13.24 10.75 9.84
N LEU C 74 -13.60 9.89 8.89
CA LEU C 74 -14.83 10.02 8.11
C LEU C 74 -15.84 9.01 8.65
N THR C 75 -17.02 9.51 8.99
CA THR C 75 -18.14 8.70 9.47
C THR C 75 -19.28 8.74 8.47
N ILE C 76 -19.83 7.58 8.17
CA ILE C 76 -21.05 7.43 7.41
C ILE C 76 -22.09 6.89 8.40
N SER C 77 -23.12 7.68 8.67
CA SER C 77 -23.99 7.36 9.81
C SER C 77 -24.98 6.25 9.53
N SER C 78 -25.51 6.19 8.31
CA SER C 78 -26.55 5.22 7.93
C SER C 78 -26.23 4.72 6.52
N LEU C 79 -25.37 3.72 6.42
CA LEU C 79 -24.86 3.30 5.12
C LEU C 79 -25.99 2.90 4.17
N GLN C 80 -25.88 3.35 2.93
CA GLN C 80 -26.83 3.05 1.86
C GLN C 80 -26.15 2.31 0.71
N PRO C 81 -26.92 1.62 -0.14
CA PRO C 81 -26.28 0.87 -1.23
C PRO C 81 -25.45 1.74 -2.14
N GLU C 82 -25.86 2.98 -2.37
CA GLU C 82 -25.11 3.87 -3.24
C GLU C 82 -23.78 4.28 -2.64
N ASP C 83 -23.48 3.92 -1.39
CA ASP C 83 -22.22 4.30 -0.77
C ASP C 83 -21.06 3.35 -1.11
N PHE C 84 -21.32 2.30 -1.88
CA PHE C 84 -20.26 1.48 -2.44
C PHE C 84 -19.31 2.41 -3.19
N ALA C 85 -18.02 2.37 -2.84
CA ALA C 85 -17.03 3.27 -3.43
C ALA C 85 -15.70 2.97 -2.76
N THR C 86 -14.64 3.63 -3.25
CA THR C 86 -13.38 3.73 -2.54
C THR C 86 -13.26 5.15 -2.02
N TYR C 87 -12.92 5.29 -0.74
CA TYR C 87 -12.81 6.58 -0.07
C TYR C 87 -11.35 6.90 0.18
N TYR C 88 -10.98 8.17 -0.03
CA TYR C 88 -9.63 8.64 0.14
C TYR C 88 -9.59 9.89 1.01
N CYS C 89 -8.60 9.95 1.94
CA CYS C 89 -8.25 11.19 2.63
C CYS C 89 -7.12 11.90 1.86
N GLN C 90 -7.05 13.18 2.12
CA GLN C 90 -6.03 14.01 1.47
C GLN C 90 -5.60 15.22 2.31
N GLN C 91 -4.32 15.38 2.54
CA GLN C 91 -3.85 16.55 3.29
C GLN C 91 -3.23 17.60 2.37
N SER C 92 -3.40 18.87 2.76
CA SER C 92 -2.90 19.99 1.96
C SER C 92 -2.36 21.12 2.83
N VAL C 93 -1.62 20.79 3.89
CA VAL C 93 -1.30 21.83 4.85
C VAL C 93 -0.23 22.78 4.34
N SER C 94 0.63 22.32 3.45
CA SER C 94 1.75 23.09 2.95
C SER C 94 1.27 23.91 1.77
N TYR C 95 1.33 25.24 1.89
CA TYR C 95 0.82 26.11 0.85
C TYR C 95 1.63 25.90 -0.45
N MET C 96 0.93 25.52 -1.54
CA MET C 96 1.59 25.21 -2.81
C MET C 96 2.71 24.19 -2.58
N GLY C 97 2.49 23.29 -1.63
CA GLY C 97 3.45 22.27 -1.31
C GLY C 97 2.88 20.90 -1.63
N PRO C 98 3.61 19.84 -1.30
CA PRO C 98 3.13 18.49 -1.65
C PRO C 98 1.82 18.13 -0.97
N LEU C 99 0.90 17.64 -1.78
CA LEU C 99 -0.34 17.05 -1.33
C LEU C 99 -0.15 15.55 -1.28
N THR C 100 -0.73 14.91 -0.28
CA THR C 100 -0.64 13.47 -0.25
C THR C 100 -1.99 12.91 0.15
N PHE C 101 -2.25 11.73 -0.38
CA PHE C 101 -3.48 10.97 -0.22
C PHE C 101 -3.19 9.74 0.64
N GLY C 102 -4.18 9.32 1.39
CA GLY C 102 -4.16 7.99 1.93
C GLY C 102 -4.38 6.96 0.85
N GLN C 103 -4.16 5.69 1.22
CA GLN C 103 -4.13 4.62 0.24
C GLN C 103 -5.52 4.19 -0.22
N GLY C 104 -6.57 4.63 0.43
CA GLY C 104 -7.94 4.32 0.07
C GLY C 104 -8.54 3.21 0.93
N THR C 105 -9.87 3.26 1.06
CA THR C 105 -10.68 2.24 1.73
C THR C 105 -11.77 1.84 0.78
N LYS C 106 -11.83 0.55 0.43
CA LYS C 106 -12.89 -0.01 -0.40
C LYS C 106 -14.04 -0.38 0.54
N VAL C 107 -15.24 0.14 0.27
CA VAL C 107 -16.44 -0.18 1.05
C VAL C 107 -17.35 -1.05 0.20
N GLU C 108 -17.62 -2.27 0.69
CA GLU C 108 -18.59 -3.19 0.12
C GLU C 108 -19.85 -3.20 0.97
N ILE C 109 -21.00 -3.32 0.32
CA ILE C 109 -22.28 -3.38 0.99
C ILE C 109 -22.69 -4.84 1.15
N LYS C 110 -22.99 -5.24 2.39
CA LYS C 110 -23.50 -6.58 2.62
C LYS C 110 -24.98 -6.64 2.28
N ARG C 111 -25.40 -7.79 1.78
CA ARG C 111 -26.81 -7.99 1.49
C ARG C 111 -27.08 -9.48 1.59
N THR C 112 -28.35 -9.83 1.43
CA THR C 112 -28.77 -11.23 1.45
C THR C 112 -28.19 -11.97 0.26
N VAL C 113 -28.00 -13.27 0.44
CA VAL C 113 -27.51 -14.14 -0.61
C VAL C 113 -28.43 -14.09 -1.82
N ALA C 114 -27.83 -14.02 -3.00
CA ALA C 114 -28.51 -14.06 -4.27
C ALA C 114 -27.75 -15.00 -5.19
N ALA C 115 -28.45 -16.04 -5.70
CA ALA C 115 -27.78 -16.98 -6.59
C ALA C 115 -27.60 -16.37 -7.97
N PRO C 116 -26.53 -16.71 -8.67
CA PRO C 116 -26.34 -16.22 -10.04
C PRO C 116 -27.34 -16.90 -10.99
N SER C 117 -27.79 -16.12 -11.99
CA SER C 117 -28.35 -16.71 -13.20
C SER C 117 -27.21 -16.98 -14.17
N VAL C 118 -27.17 -18.16 -14.78
CA VAL C 118 -26.04 -18.57 -15.60
C VAL C 118 -26.46 -18.69 -17.05
N PHE C 119 -25.58 -18.24 -17.94
CA PHE C 119 -25.77 -18.28 -19.39
C PHE C 119 -24.47 -18.71 -20.06
N ILE C 120 -24.58 -19.52 -21.11
CA ILE C 120 -23.41 -19.88 -21.90
C ILE C 120 -23.64 -19.41 -23.34
N PHE C 121 -22.57 -18.97 -23.99
CA PHE C 121 -22.61 -18.43 -25.35
C PHE C 121 -21.57 -19.15 -26.18
N PRO C 122 -21.96 -19.84 -27.24
CA PRO C 122 -20.95 -20.43 -28.16
C PRO C 122 -20.24 -19.35 -28.95
N PRO C 123 -19.11 -19.68 -29.58
CA PRO C 123 -18.51 -18.71 -30.51
C PRO C 123 -19.43 -18.43 -31.69
N SER C 124 -19.36 -17.18 -32.17
CA SER C 124 -20.07 -16.79 -33.36
C SER C 124 -19.39 -17.37 -34.60
N ASP C 125 -20.18 -17.51 -35.67
CA ASP C 125 -19.63 -17.96 -36.95
C ASP C 125 -18.54 -17.01 -37.42
N SER C 126 -18.79 -15.71 -37.24
CA SER C 126 -17.84 -14.67 -37.61
C SER C 126 -16.51 -14.88 -36.93
N GLN C 127 -16.51 -15.21 -35.63
CA GLN C 127 -15.24 -15.43 -34.96
C GLN C 127 -14.55 -16.69 -35.49
N LEU C 128 -15.33 -17.74 -35.78
CA LEU C 128 -14.72 -18.99 -36.23
C LEU C 128 -13.97 -18.79 -37.53
N LYS C 129 -14.49 -17.97 -38.43
CA LYS C 129 -13.74 -17.70 -39.66
C LYS C 129 -12.35 -17.13 -39.34
N SER C 130 -12.22 -16.48 -38.19
CA SER C 130 -10.98 -15.78 -37.85
C SER C 130 -9.87 -16.71 -37.41
N GLY C 131 -10.19 -17.94 -37.04
CA GLY C 131 -9.20 -18.89 -36.56
C GLY C 131 -9.24 -19.13 -35.06
N THR C 132 -10.10 -18.43 -34.34
CA THR C 132 -10.17 -18.54 -32.89
C THR C 132 -11.61 -18.82 -32.46
N ALA C 133 -11.75 -19.40 -31.28
CA ALA C 133 -13.08 -19.63 -30.72
C ALA C 133 -13.08 -19.21 -29.26
N SER C 134 -13.97 -18.29 -28.90
CA SER C 134 -14.18 -17.90 -27.52
C SER C 134 -15.56 -18.40 -27.08
N VAL C 135 -15.61 -19.09 -25.95
CA VAL C 135 -16.85 -19.54 -25.36
C VAL C 135 -17.03 -18.72 -24.08
N VAL C 136 -18.20 -18.15 -23.88
CA VAL C 136 -18.39 -17.23 -22.76
C VAL C 136 -19.44 -17.79 -21.82
N CYS C 137 -19.15 -17.71 -20.51
CA CYS C 137 -20.06 -18.10 -19.45
C CYS C 137 -20.33 -16.87 -18.62
N LEU C 138 -21.59 -16.56 -18.38
CA LEU C 138 -21.98 -15.37 -17.64
C LEU C 138 -22.70 -15.79 -16.37
N LEU C 139 -22.26 -15.24 -15.23
CA LEU C 139 -22.97 -15.38 -13.96
C LEU C 139 -23.51 -14.02 -13.61
N ASN C 140 -24.82 -13.88 -13.55
CA ASN C 140 -25.46 -12.58 -13.44
C ASN C 140 -26.08 -12.38 -12.08
N ASN C 141 -25.74 -11.24 -11.46
CA ASN C 141 -26.43 -10.62 -10.32
C ASN C 141 -26.47 -11.54 -9.09
N PHE C 142 -25.28 -11.83 -8.55
CA PHE C 142 -25.14 -12.70 -7.40
C PHE C 142 -24.46 -11.99 -6.23
N TYR C 143 -24.63 -12.59 -5.04
CA TYR C 143 -23.98 -12.13 -3.82
C TYR C 143 -23.91 -13.34 -2.90
N PRO C 144 -22.81 -13.58 -2.19
CA PRO C 144 -21.58 -12.77 -2.14
C PRO C 144 -20.69 -12.99 -3.35
N ARG C 145 -19.52 -12.36 -3.29
CA ARG C 145 -18.60 -12.32 -4.43
C ARG C 145 -18.05 -13.69 -4.77
N GLU C 146 -17.78 -14.53 -3.78
CA GLU C 146 -17.10 -15.80 -4.06
C GLU C 146 -17.94 -16.69 -4.96
N ALA C 147 -17.33 -17.20 -6.02
CA ALA C 147 -18.03 -18.04 -6.98
C ALA C 147 -16.97 -18.87 -7.70
N LYS C 148 -17.34 -20.09 -8.08
CA LYS C 148 -16.44 -20.99 -8.78
C LYS C 148 -17.02 -21.32 -10.14
N VAL C 149 -16.22 -21.16 -11.20
CA VAL C 149 -16.60 -21.51 -12.57
C VAL C 149 -15.58 -22.52 -13.07
N GLN C 150 -16.05 -23.69 -13.49
CA GLN C 150 -15.18 -24.69 -14.10
C GLN C 150 -15.67 -24.97 -15.51
N TRP C 151 -14.74 -25.05 -16.45
CA TRP C 151 -15.02 -25.38 -17.84
C TRP C 151 -14.70 -26.85 -18.15
N LYS C 152 -15.57 -27.50 -18.93
CA LYS C 152 -15.37 -28.88 -19.39
C LYS C 152 -15.61 -28.96 -20.89
N VAL C 153 -14.69 -29.62 -21.59
CA VAL C 153 -14.82 -29.92 -23.01
C VAL C 153 -14.78 -31.44 -23.18
N ASP C 154 -15.89 -32.00 -23.67
CA ASP C 154 -16.05 -33.46 -23.70
C ASP C 154 -15.61 -34.06 -22.36
N ASN C 155 -16.05 -33.43 -21.27
CA ASN C 155 -15.90 -33.82 -19.86
C ASN C 155 -14.52 -33.58 -19.28
N ALA C 156 -13.57 -33.05 -20.03
CA ALA C 156 -12.23 -32.77 -19.53
C ALA C 156 -12.18 -31.35 -18.93
N LEU C 157 -11.81 -31.28 -17.65
CA LEU C 157 -11.58 -30.01 -16.98
C LEU C 157 -10.52 -29.22 -17.74
N GLN C 158 -10.78 -27.94 -17.97
CA GLN C 158 -9.87 -27.07 -18.72
C GLN C 158 -9.01 -26.27 -17.76
N SER C 159 -7.70 -26.31 -17.98
CA SER C 159 -6.74 -25.55 -17.18
C SER C 159 -5.94 -24.61 -18.06
N GLY C 160 -5.76 -23.39 -17.59
CA GLY C 160 -4.83 -22.46 -18.18
C GLY C 160 -5.30 -21.76 -19.43
N ASN C 161 -6.55 -21.96 -19.85
CA ASN C 161 -7.07 -21.35 -21.08
C ASN C 161 -8.38 -20.60 -20.86
N SER C 162 -8.65 -20.16 -19.62
CA SER C 162 -9.80 -19.31 -19.36
C SER C 162 -9.38 -18.11 -18.55
N GLN C 163 -10.17 -17.04 -18.69
CA GLN C 163 -9.97 -15.82 -17.90
C GLN C 163 -11.32 -15.32 -17.42
N GLU C 164 -11.34 -14.76 -16.20
CA GLU C 164 -12.53 -14.28 -15.55
C GLU C 164 -12.45 -12.77 -15.38
N SER C 165 -13.59 -12.11 -15.43
CA SER C 165 -13.69 -10.70 -15.11
C SER C 165 -14.94 -10.50 -14.28
N VAL C 166 -14.87 -9.65 -13.25
CA VAL C 166 -15.99 -9.41 -12.35
C VAL C 166 -16.31 -7.93 -12.38
N THR C 167 -17.59 -7.61 -12.39
CA THR C 167 -18.01 -6.24 -12.28
C THR C 167 -17.81 -5.72 -10.88
N GLU C 168 -17.77 -4.39 -10.76
CA GLU C 168 -17.87 -3.80 -9.44
C GLU C 168 -19.28 -3.99 -8.89
N GLN C 169 -19.37 -3.92 -7.58
CA GLN C 169 -20.65 -4.09 -6.93
C GLN C 169 -21.66 -3.09 -7.47
N ASP C 170 -22.86 -3.57 -7.73
CA ASP C 170 -23.91 -2.68 -8.22
C ASP C 170 -24.35 -1.67 -7.16
N SER C 171 -24.50 -0.41 -7.57
CA SER C 171 -24.81 0.65 -6.61
C SER C 171 -26.25 0.69 -6.16
N LYS C 172 -27.13 -0.10 -6.80
CA LYS C 172 -28.53 -0.18 -6.40
C LYS C 172 -28.88 -1.48 -5.70
N ASP C 173 -28.47 -2.62 -6.25
CA ASP C 173 -28.86 -3.90 -5.68
C ASP C 173 -27.70 -4.66 -5.04
N SER C 174 -26.50 -4.10 -5.06
CA SER C 174 -25.35 -4.61 -4.32
C SER C 174 -24.92 -5.99 -4.76
N THR C 175 -25.25 -6.39 -5.99
CA THR C 175 -24.81 -7.67 -6.53
C THR C 175 -23.59 -7.49 -7.45
N TYR C 176 -22.99 -8.63 -7.79
CA TYR C 176 -21.89 -8.76 -8.72
C TYR C 176 -22.37 -9.54 -9.95
N SER C 177 -21.62 -9.39 -11.05
CA SER C 177 -21.72 -10.28 -12.19
C SER C 177 -20.30 -10.67 -12.62
N LEU C 178 -20.21 -11.77 -13.34
CA LEU C 178 -18.91 -12.35 -13.65
C LEU C 178 -18.98 -12.98 -15.03
N SER C 179 -17.92 -12.81 -15.80
CA SER C 179 -17.81 -13.52 -17.06
C SER C 179 -16.56 -14.38 -17.01
N SER C 180 -16.66 -15.57 -17.57
CA SER C 180 -15.53 -16.45 -17.76
C SER C 180 -15.45 -16.74 -19.25
N THR C 181 -14.27 -16.60 -19.82
CA THR C 181 -14.09 -16.80 -21.26
C THR C 181 -13.06 -17.88 -21.49
N LEU C 182 -13.46 -18.93 -22.21
CA LEU C 182 -12.61 -20.05 -22.59
C LEU C 182 -12.15 -19.79 -24.02
N THR C 183 -10.85 -19.81 -24.25
CA THR C 183 -10.30 -19.53 -25.57
C THR C 183 -9.62 -20.78 -26.09
N LEU C 184 -10.05 -21.23 -27.28
CA LEU C 184 -9.52 -22.39 -27.94
C LEU C 184 -9.15 -22.02 -29.37
N SER C 185 -8.20 -22.75 -29.93
CA SER C 185 -8.00 -22.67 -31.36
C SER C 185 -9.22 -23.22 -32.08
N LYS C 186 -9.45 -22.72 -33.30
CA LYS C 186 -10.55 -23.22 -34.12
C LYS C 186 -10.42 -24.73 -34.31
N ALA C 187 -9.21 -25.23 -34.56
CA ALA C 187 -9.03 -26.65 -34.76
C ALA C 187 -9.44 -27.45 -33.52
N ASP C 188 -9.01 -26.99 -32.34
CA ASP C 188 -9.36 -27.66 -31.11
C ASP C 188 -10.85 -27.61 -30.90
N TYR C 189 -11.43 -26.41 -31.02
CA TYR C 189 -12.88 -26.27 -30.87
C TYR C 189 -13.64 -27.22 -31.78
N GLU C 190 -13.17 -27.37 -33.03
CA GLU C 190 -13.89 -28.21 -33.98
C GLU C 190 -13.72 -29.70 -33.71
N LYS C 191 -12.68 -30.09 -32.94
CA LYS C 191 -12.56 -31.52 -32.60
C LYS C 191 -13.66 -32.01 -31.66
N HIS C 192 -14.18 -31.17 -30.79
CA HIS C 192 -14.99 -31.60 -29.66
C HIS C 192 -16.44 -31.19 -29.79
N LYS C 193 -17.29 -31.85 -29.01
CA LYS C 193 -18.73 -31.70 -29.11
C LYS C 193 -19.33 -30.91 -27.95
N VAL C 194 -19.10 -31.35 -26.72
CA VAL C 194 -19.84 -30.82 -25.57
C VAL C 194 -19.01 -29.76 -24.87
N TYR C 195 -19.56 -28.55 -24.75
CA TYR C 195 -18.94 -27.44 -24.07
C TYR C 195 -19.80 -27.08 -22.87
N ALA C 196 -19.20 -27.05 -21.69
CA ALA C 196 -20.00 -26.86 -20.49
C ALA C 196 -19.30 -25.96 -19.49
N CYS C 197 -20.11 -25.12 -18.83
CA CYS C 197 -19.71 -24.26 -17.73
C CYS C 197 -20.43 -24.74 -16.49
N GLU C 198 -19.68 -25.03 -15.43
CA GLU C 198 -20.26 -25.45 -14.15
C GLU C 198 -19.98 -24.42 -13.06
N VAL C 199 -21.02 -24.01 -12.36
CA VAL C 199 -20.95 -22.90 -11.42
C VAL C 199 -21.34 -23.35 -10.01
N THR C 200 -20.48 -23.02 -9.05
CA THR C 200 -20.72 -23.23 -7.63
C THR C 200 -20.81 -21.89 -6.90
N HIS C 201 -21.81 -21.77 -6.02
CA HIS C 201 -22.02 -20.52 -5.30
C HIS C 201 -22.92 -20.80 -4.10
N GLN C 202 -22.72 -20.04 -3.03
CA GLN C 202 -23.45 -20.24 -1.79
C GLN C 202 -24.96 -20.24 -2.00
N GLY C 203 -25.43 -19.49 -3.00
CA GLY C 203 -26.86 -19.43 -3.26
C GLY C 203 -27.44 -20.60 -4.02
N LEU C 204 -26.61 -21.52 -4.49
CA LEU C 204 -27.07 -22.65 -5.27
C LEU C 204 -26.99 -23.90 -4.40
N SER C 205 -28.12 -24.60 -4.24
CA SER C 205 -28.11 -25.82 -3.43
C SER C 205 -27.18 -26.87 -4.02
N SER C 206 -27.08 -26.91 -5.35
CA SER C 206 -26.13 -27.77 -6.06
C SER C 206 -25.58 -27.00 -7.27
N PRO C 207 -24.42 -27.41 -7.76
CA PRO C 207 -23.81 -26.69 -8.89
C PRO C 207 -24.68 -26.70 -10.13
N VAL C 208 -24.64 -25.59 -10.86
CA VAL C 208 -25.44 -25.41 -12.06
C VAL C 208 -24.53 -25.57 -13.26
N THR C 209 -24.93 -26.41 -14.19
CA THR C 209 -24.13 -26.57 -15.37
C THR C 209 -24.95 -26.06 -16.58
N LYS C 210 -24.40 -25.18 -17.44
CA LYS C 210 -25.02 -24.71 -18.70
C LYS C 210 -24.10 -25.31 -19.83
N SER C 211 -24.64 -25.96 -20.88
CA SER C 211 -23.82 -26.53 -21.95
C SER C 211 -24.48 -26.45 -23.29
N PHE C 212 -23.65 -26.62 -24.26
CA PHE C 212 -24.15 -26.78 -25.61
C PHE C 212 -23.33 -27.83 -26.34
N ASN C 213 -23.92 -28.31 -27.43
CA ASN C 213 -23.25 -29.27 -28.29
C ASN C 213 -22.75 -28.45 -29.51
N ARG C 214 -21.47 -28.50 -29.92
CA ARG C 214 -21.00 -27.66 -31.07
C ARG C 214 -21.88 -27.76 -32.38
N GLY C 215 -22.43 -28.93 -32.68
CA GLY C 215 -23.27 -29.08 -33.86
C GLY C 215 -24.41 -28.09 -33.95
N GLU D 6 -21.71 26.70 -15.28
CA GLU D 6 -21.26 25.66 -14.34
C GLU D 6 -19.81 25.27 -14.60
N VAL D 7 -19.13 24.92 -13.52
CA VAL D 7 -17.70 24.65 -13.59
C VAL D 7 -17.45 23.37 -14.35
N GLN D 8 -16.47 23.43 -15.27
CA GLN D 8 -16.11 22.25 -16.05
C GLN D 8 -14.59 22.24 -16.25
N LEU D 9 -14.01 21.05 -16.13
CA LEU D 9 -12.62 20.81 -16.43
C LEU D 9 -12.56 19.68 -17.45
N VAL D 10 -11.86 19.88 -18.56
CA VAL D 10 -11.83 18.86 -19.61
C VAL D 10 -10.39 18.57 -20.01
N GLU D 11 -9.95 17.32 -19.81
CA GLU D 11 -8.61 16.92 -20.16
C GLU D 11 -8.51 16.48 -21.62
N SER D 12 -7.32 16.66 -22.20
CA SER D 12 -6.99 16.13 -23.51
C SER D 12 -5.51 15.76 -23.51
N GLY D 13 -5.08 15.01 -24.53
CA GLY D 13 -3.69 14.76 -24.73
C GLY D 13 -3.18 13.38 -24.34
N GLY D 14 -4.02 12.55 -23.73
CA GLY D 14 -3.56 11.26 -23.27
C GLY D 14 -3.26 10.32 -24.43
N GLY D 15 -2.94 9.08 -24.07
CA GLY D 15 -2.78 8.07 -25.08
C GLY D 15 -1.55 7.22 -24.82
N LEU D 16 -1.16 6.49 -25.87
CA LEU D 16 -0.05 5.57 -25.81
C LEU D 16 1.26 6.30 -26.11
N VAL D 17 2.30 5.93 -25.39
CA VAL D 17 3.62 6.52 -25.57
C VAL D 17 4.65 5.44 -25.22
N GLN D 18 5.78 5.48 -25.92
CA GLN D 18 6.86 4.54 -25.70
C GLN D 18 7.64 4.87 -24.43
N PRO D 19 8.19 3.87 -23.75
CA PRO D 19 9.03 4.17 -22.59
C PRO D 19 10.15 5.10 -23.00
N GLY D 20 10.43 6.07 -22.13
CA GLY D 20 11.37 7.11 -22.41
C GLY D 20 10.82 8.26 -23.21
N GLY D 21 9.59 8.15 -23.68
CA GLY D 21 8.97 9.17 -24.48
C GLY D 21 8.36 10.30 -23.65
N SER D 22 7.71 11.22 -24.38
CA SER D 22 7.09 12.42 -23.83
C SER D 22 5.64 12.56 -24.33
N LEU D 23 4.81 13.15 -23.47
CA LEU D 23 3.43 13.50 -23.81
C LEU D 23 3.13 14.83 -23.15
N ARG D 24 2.21 15.61 -23.72
CA ARG D 24 1.71 16.81 -23.05
C ARG D 24 0.21 16.72 -22.92
N LEU D 25 -0.27 16.80 -21.69
CA LEU D 25 -1.69 16.82 -21.35
C LEU D 25 -2.12 18.26 -21.25
N SER D 26 -3.41 18.51 -21.55
CA SER D 26 -4.04 19.81 -21.38
C SER D 26 -5.34 19.68 -20.61
N CYS D 27 -5.69 20.75 -19.90
CA CYS D 27 -6.92 20.85 -19.11
C CYS D 27 -7.54 22.18 -19.48
N ALA D 28 -8.69 22.12 -20.17
CA ALA D 28 -9.45 23.32 -20.51
C ALA D 28 -10.47 23.57 -19.41
N ALA D 29 -10.41 24.74 -18.78
CA ALA D 29 -11.34 25.11 -17.72
C ALA D 29 -12.42 26.09 -18.21
N SER D 30 -13.61 25.96 -17.62
CA SER D 30 -14.76 26.80 -17.95
C SER D 30 -15.55 27.05 -16.67
N GLY D 31 -16.20 28.21 -16.59
CA GLY D 31 -17.20 28.46 -15.58
C GLY D 31 -16.71 28.98 -14.25
N PHE D 32 -15.44 29.35 -14.13
CA PHE D 32 -14.94 29.98 -12.92
C PHE D 32 -13.80 30.93 -13.26
N ASN D 33 -13.43 31.73 -12.27
CA ASN D 33 -12.35 32.71 -12.41
C ASN D 33 -11.01 31.98 -12.34
N PHE D 34 -10.36 31.81 -13.49
CA PHE D 34 -9.14 31.02 -13.57
C PHE D 34 -8.00 31.67 -12.80
N TYR D 35 -7.85 33.00 -12.87
CA TYR D 35 -6.84 33.62 -12.04
C TYR D 35 -7.07 33.33 -10.55
N SER D 36 -8.33 33.24 -10.14
CA SER D 36 -8.67 33.03 -8.74
C SER D 36 -8.84 31.55 -8.44
N SER D 37 -7.78 30.77 -8.78
CA SER D 37 -7.81 29.32 -8.60
C SER D 37 -6.40 28.76 -8.47
N TYR D 38 -6.36 27.49 -8.06
CA TYR D 38 -5.16 26.64 -8.14
C TYR D 38 -5.54 25.44 -8.98
N ILE D 39 -4.67 25.01 -9.90
CA ILE D 39 -4.95 23.84 -10.73
C ILE D 39 -3.97 22.74 -10.34
N HIS D 40 -4.50 21.53 -10.19
CA HIS D 40 -3.75 20.36 -9.77
C HIS D 40 -3.89 19.26 -10.81
N TRP D 41 -2.85 18.46 -10.93
CA TRP D 41 -2.93 17.17 -11.58
C TRP D 41 -2.72 16.08 -10.55
N VAL D 42 -3.61 15.08 -10.61
CA VAL D 42 -3.64 13.90 -9.76
C VAL D 42 -3.80 12.69 -10.68
N ARG D 43 -3.04 11.62 -10.43
CA ARG D 43 -3.09 10.46 -11.28
C ARG D 43 -3.45 9.21 -10.48
N GLN D 44 -3.88 8.19 -11.21
CA GLN D 44 -4.31 6.94 -10.60
C GLN D 44 -3.87 5.79 -11.52
N ALA D 45 -2.87 5.06 -11.05
CA ALA D 45 -2.41 3.90 -11.81
C ALA D 45 -3.48 2.80 -11.74
N PRO D 46 -3.52 1.93 -12.76
CA PRO D 46 -4.61 0.93 -12.82
C PRO D 46 -4.70 0.09 -11.56
N GLY D 47 -5.86 0.13 -10.89
CA GLY D 47 -6.07 -0.61 -9.67
C GLY D 47 -5.42 -0.04 -8.43
N LYS D 48 -4.85 1.16 -8.52
CA LYS D 48 -4.10 1.73 -7.40
C LYS D 48 -4.82 2.98 -6.91
N GLY D 49 -4.19 3.70 -5.97
CA GLY D 49 -4.81 4.88 -5.38
C GLY D 49 -4.46 6.18 -6.09
N LEU D 50 -4.98 7.26 -5.53
CA LEU D 50 -4.71 8.58 -6.05
C LEU D 50 -3.34 9.06 -5.63
N GLU D 51 -2.66 9.73 -6.56
CA GLU D 51 -1.32 10.28 -6.31
C GLU D 51 -1.24 11.69 -6.88
N TRP D 52 -0.98 12.68 -6.03
CA TRP D 52 -0.80 14.03 -6.54
C TRP D 52 0.49 14.12 -7.34
N VAL D 53 0.43 14.84 -8.46
CA VAL D 53 1.54 14.99 -9.38
C VAL D 53 2.10 16.41 -9.38
N ALA D 54 1.22 17.39 -9.56
CA ALA D 54 1.71 18.76 -9.69
C ALA D 54 0.61 19.78 -9.44
N SER D 55 1.04 21.03 -9.13
CA SER D 55 0.11 22.13 -8.95
C SER D 55 0.66 23.43 -9.54
N ILE D 56 -0.26 24.34 -9.90
CA ILE D 56 0.13 25.66 -10.38
C ILE D 56 -0.87 26.70 -9.90
N SER D 57 -0.34 27.89 -9.58
CA SER D 57 -1.14 29.08 -9.36
C SER D 57 -1.12 29.92 -10.62
N PRO D 58 -2.22 30.03 -11.38
CA PRO D 58 -2.17 30.84 -12.61
C PRO D 58 -1.81 32.29 -12.33
N TYR D 59 -2.17 32.83 -11.15
CA TYR D 59 -1.93 34.25 -10.87
C TYR D 59 -0.46 34.53 -10.60
N SER D 60 0.15 33.75 -9.70
CA SER D 60 1.57 33.95 -9.40
C SER D 60 2.51 33.23 -10.35
N GLY D 61 2.05 32.16 -11.00
CA GLY D 61 2.92 31.29 -11.79
C GLY D 61 3.71 30.28 -10.98
N SER D 62 3.53 30.30 -9.66
CA SER D 62 4.18 29.36 -8.76
C SER D 62 3.77 27.93 -9.14
N THR D 63 4.72 27.00 -9.02
CA THR D 63 4.48 25.60 -9.35
C THR D 63 5.04 24.68 -8.27
N SER D 64 4.49 23.47 -8.22
CA SER D 64 5.03 22.45 -7.32
C SER D 64 4.82 21.07 -7.92
N TYR D 65 5.72 20.15 -7.55
CA TYR D 65 5.78 18.81 -8.12
C TYR D 65 6.02 17.77 -7.06
N ALA D 66 5.42 16.59 -7.28
CA ALA D 66 5.76 15.44 -6.45
C ALA D 66 7.21 15.02 -6.68
N ASP D 67 7.82 14.47 -5.63
CA ASP D 67 9.19 13.99 -5.77
C ASP D 67 9.32 12.97 -6.91
N SER D 68 8.28 12.18 -7.17
CA SER D 68 8.37 11.14 -8.19
C SER D 68 8.47 11.68 -9.60
N VAL D 69 8.12 12.95 -9.82
CA VAL D 69 8.08 13.48 -11.18
C VAL D 69 8.89 14.75 -11.35
N LYS D 70 9.45 15.27 -10.25
CA LYS D 70 10.21 16.51 -10.34
C LYS D 70 11.38 16.35 -11.33
N GLY D 71 11.56 17.37 -12.18
CA GLY D 71 12.56 17.34 -13.21
C GLY D 71 12.12 16.70 -14.50
N ARG D 72 11.06 15.88 -14.47
CA ARG D 72 10.56 15.22 -15.67
C ARG D 72 9.29 15.87 -16.20
N PHE D 73 8.46 16.40 -15.30
CA PHE D 73 7.20 17.02 -15.67
C PHE D 73 7.29 18.54 -15.48
N THR D 74 6.56 19.28 -16.32
CA THR D 74 6.46 20.73 -16.22
C THR D 74 5.01 21.13 -16.35
N ILE D 75 4.51 21.86 -15.37
CA ILE D 75 3.15 22.38 -15.40
C ILE D 75 3.21 23.85 -15.77
N SER D 76 2.28 24.27 -16.61
CA SER D 76 2.20 25.66 -17.00
C SER D 76 0.74 26.03 -17.29
N ALA D 77 0.49 27.33 -17.55
CA ALA D 77 -0.86 27.77 -17.82
C ALA D 77 -0.91 28.78 -18.95
N ASP D 78 -2.06 28.82 -19.64
CA ASP D 78 -2.41 29.83 -20.64
C ASP D 78 -3.66 30.51 -20.07
N THR D 79 -3.45 31.61 -19.36
CA THR D 79 -4.56 32.26 -18.67
C THR D 79 -5.57 32.87 -19.63
N SER D 80 -5.12 33.35 -20.79
CA SER D 80 -6.05 33.87 -21.77
C SER D 80 -6.99 32.82 -22.32
N LYS D 81 -6.61 31.55 -22.27
CA LYS D 81 -7.45 30.45 -22.73
C LYS D 81 -7.97 29.57 -21.60
N ASN D 82 -7.76 29.98 -20.35
CA ASN D 82 -8.15 29.20 -19.19
C ASN D 82 -7.70 27.74 -19.35
N THR D 83 -6.44 27.54 -19.69
CA THR D 83 -5.92 26.21 -19.94
C THR D 83 -4.69 25.96 -19.09
N ALA D 84 -4.53 24.73 -18.59
CA ALA D 84 -3.31 24.33 -17.93
C ALA D 84 -2.71 23.20 -18.75
N TYR D 85 -1.38 23.08 -18.74
CA TYR D 85 -0.65 22.05 -19.46
C TYR D 85 0.24 21.27 -18.51
N LEU D 86 0.43 19.98 -18.79
CA LEU D 86 1.37 19.14 -18.06
C LEU D 86 2.23 18.44 -19.11
N GLN D 87 3.44 18.93 -19.27
CA GLN D 87 4.43 18.27 -20.12
C GLN D 87 5.09 17.19 -19.29
N MET D 88 5.07 15.95 -19.79
CA MET D 88 5.61 14.77 -19.14
C MET D 88 6.72 14.19 -19.99
N ASN D 89 7.94 14.19 -19.47
CA ASN D 89 9.08 13.60 -20.16
C ASN D 89 9.55 12.36 -19.45
N SER D 90 10.38 11.60 -20.17
CA SER D 90 11.11 10.47 -19.60
C SER D 90 10.15 9.51 -18.92
N LEU D 91 9.08 9.17 -19.64
CA LEU D 91 8.02 8.35 -19.06
C LEU D 91 8.45 6.89 -18.90
N ARG D 92 7.98 6.28 -17.82
CA ARG D 92 8.24 4.89 -17.47
C ARG D 92 6.91 4.17 -17.26
N ALA D 93 6.99 2.84 -17.20
CA ALA D 93 5.79 2.04 -16.96
C ALA D 93 5.05 2.52 -15.71
N GLU D 94 5.80 2.94 -14.69
CA GLU D 94 5.16 3.38 -13.46
C GLU D 94 4.32 4.64 -13.64
N ASP D 95 4.47 5.36 -14.75
CA ASP D 95 3.66 6.54 -15.04
C ASP D 95 2.36 6.21 -15.74
N THR D 96 2.13 4.96 -16.12
CA THR D 96 0.85 4.58 -16.70
C THR D 96 -0.24 4.84 -15.68
N ALA D 97 -1.26 5.57 -16.09
CA ALA D 97 -2.30 6.00 -15.15
C ALA D 97 -3.38 6.82 -15.85
N VAL D 98 -4.53 6.93 -15.20
CA VAL D 98 -5.48 7.98 -15.57
C VAL D 98 -5.04 9.28 -14.89
N TYR D 99 -4.92 10.34 -15.66
CA TYR D 99 -4.51 11.66 -15.19
C TYR D 99 -5.74 12.56 -15.11
N TYR D 100 -6.03 13.10 -13.93
CA TYR D 100 -7.12 14.01 -13.67
C TYR D 100 -6.57 15.41 -13.44
N CYS D 101 -7.29 16.41 -13.96
CA CYS D 101 -7.16 17.84 -13.63
C CYS D 101 -8.21 18.14 -12.58
N ALA D 102 -7.86 18.95 -11.59
CA ALA D 102 -8.82 19.34 -10.55
C ALA D 102 -8.46 20.75 -10.11
N ARG D 103 -9.37 21.38 -9.41
CA ARG D 103 -9.12 22.76 -9.00
C ARG D 103 -9.38 22.97 -7.52
N TYR D 104 -8.68 23.96 -6.98
CA TYR D 104 -9.11 24.69 -5.79
C TYR D 104 -9.66 26.05 -6.23
N SER D 105 -10.78 26.47 -5.67
CA SER D 105 -11.08 27.89 -5.74
C SER D 105 -10.16 28.65 -4.77
N TRP D 106 -9.78 29.83 -5.15
CA TRP D 106 -9.02 30.65 -4.25
C TRP D 106 -9.91 31.06 -3.08
N PRO D 107 -9.36 31.14 -1.85
CA PRO D 107 -7.99 30.90 -1.41
C PRO D 107 -7.70 29.49 -0.94
N TRP D 108 -6.42 29.13 -0.96
CA TRP D 108 -5.98 27.87 -0.38
C TRP D 108 -6.35 27.79 1.08
N VAL D 109 -6.16 28.88 1.84
CA VAL D 109 -6.61 28.87 3.23
C VAL D 109 -6.96 30.27 3.65
N SER D 110 -8.01 30.36 4.45
CA SER D 110 -8.41 31.62 5.03
C SER D 110 -8.60 31.43 6.53
N TYR D 111 -8.63 32.55 7.22
CA TYR D 111 -8.93 32.61 8.64
C TYR D 111 -10.00 33.65 8.87
N LYS D 112 -11.04 33.28 9.60
CA LYS D 112 -12.09 34.23 9.95
C LYS D 112 -12.28 34.24 11.47
N PRO D 113 -12.21 35.41 12.08
CA PRO D 113 -12.41 35.47 13.54
C PRO D 113 -13.75 34.84 13.90
N TYR D 114 -13.77 34.11 15.02
CA TYR D 114 -14.94 33.41 15.53
C TYR D 114 -15.31 32.18 14.74
N TYR D 115 -14.60 31.87 13.70
CA TYR D 115 -14.90 30.67 12.92
C TYR D 115 -13.68 29.77 12.74
N GLY D 116 -12.50 30.36 12.57
CA GLY D 116 -11.26 29.62 12.44
C GLY D 116 -10.74 29.50 11.02
N LEU D 117 -9.88 28.48 10.84
CA LEU D 117 -9.25 28.20 9.57
C LEU D 117 -10.17 27.44 8.63
N HIS D 118 -10.04 27.73 7.33
CA HIS D 118 -10.81 27.07 6.26
C HIS D 118 -9.83 26.74 5.16
N PHE D 119 -9.57 25.45 4.94
CA PHE D 119 -8.70 24.97 3.89
C PHE D 119 -9.53 24.52 2.68
N SER D 120 -9.07 24.88 1.50
CA SER D 120 -9.80 24.54 0.29
C SER D 120 -9.61 23.04 -0.01
N ALA D 121 -10.46 22.53 -0.88
CA ALA D 121 -10.32 21.16 -1.36
C ALA D 121 -10.71 21.10 -2.83
N MET D 122 -10.52 19.91 -3.43
CA MET D 122 -10.68 19.74 -4.87
C MET D 122 -12.16 19.47 -5.11
N ASP D 123 -12.92 20.53 -5.38
CA ASP D 123 -14.37 20.40 -5.50
C ASP D 123 -14.79 19.99 -6.91
N TYR D 124 -14.01 20.34 -7.95
CA TYR D 124 -14.31 19.95 -9.33
C TYR D 124 -13.09 19.26 -9.92
N TRP D 125 -13.37 18.18 -10.63
CA TRP D 125 -12.41 17.31 -11.27
C TRP D 125 -12.85 17.10 -12.72
N GLY D 126 -11.89 16.93 -13.62
CA GLY D 126 -12.19 16.42 -14.93
C GLY D 126 -12.50 14.93 -14.90
N GLN D 127 -12.85 14.40 -16.10
CA GLN D 127 -13.17 12.99 -16.29
C GLN D 127 -11.93 12.09 -16.34
N GLY D 128 -10.75 12.65 -16.52
CA GLY D 128 -9.55 11.88 -16.59
C GLY D 128 -9.18 11.48 -17.99
N THR D 129 -7.88 11.33 -18.21
CA THR D 129 -7.41 10.82 -19.49
C THR D 129 -6.34 9.77 -19.23
N LEU D 130 -6.43 8.66 -19.95
CA LEU D 130 -5.53 7.55 -19.71
C LEU D 130 -4.22 7.74 -20.49
N VAL D 131 -3.09 7.62 -19.77
CA VAL D 131 -1.76 7.57 -20.38
C VAL D 131 -1.22 6.17 -20.20
N THR D 132 -0.84 5.53 -21.33
CA THR D 132 -0.30 4.17 -21.31
C THR D 132 1.14 4.21 -21.81
N VAL D 133 2.09 3.77 -21.01
CA VAL D 133 3.51 3.77 -21.36
C VAL D 133 3.87 2.32 -21.71
N SER D 134 4.02 2.04 -22.99
CA SER D 134 4.22 0.67 -23.44
C SER D 134 4.94 0.69 -24.77
N SER D 135 5.65 -0.41 -25.07
CA SER D 135 6.25 -0.57 -26.38
C SER D 135 5.31 -1.21 -27.38
N ALA D 136 4.18 -1.74 -26.93
CA ALA D 136 3.24 -2.43 -27.81
C ALA D 136 2.54 -1.48 -28.76
N SER D 137 2.16 -2.01 -29.94
CA SER D 137 1.55 -1.21 -30.99
C SER D 137 0.03 -1.18 -30.85
N THR D 138 -0.56 -0.08 -31.32
CA THR D 138 -2.00 0.07 -31.35
C THR D 138 -2.65 -0.98 -32.24
N LYS D 139 -3.78 -1.52 -31.79
CA LYS D 139 -4.52 -2.49 -32.57
C LYS D 139 -6.00 -2.35 -32.26
N GLY D 140 -6.82 -2.27 -33.31
CA GLY D 140 -8.26 -2.14 -33.14
C GLY D 140 -8.95 -3.47 -32.86
N PRO D 141 -10.11 -3.43 -32.22
CA PRO D 141 -10.79 -4.67 -31.84
C PRO D 141 -11.62 -5.28 -32.94
N SER D 142 -11.79 -6.60 -32.83
CA SER D 142 -12.89 -7.28 -33.51
C SER D 142 -14.06 -7.41 -32.57
N VAL D 143 -15.27 -7.29 -33.08
CA VAL D 143 -16.47 -7.32 -32.27
C VAL D 143 -17.35 -8.48 -32.74
N PHE D 144 -17.73 -9.36 -31.81
CA PHE D 144 -18.51 -10.54 -32.11
C PHE D 144 -19.77 -10.57 -31.26
N PRO D 145 -20.87 -11.04 -31.80
CA PRO D 145 -22.10 -11.12 -31.01
C PRO D 145 -22.07 -12.28 -30.03
N LEU D 146 -22.69 -12.07 -28.87
CA LEU D 146 -23.06 -13.11 -27.92
C LEU D 146 -24.59 -13.22 -28.06
N ALA D 147 -25.04 -14.11 -28.94
CA ALA D 147 -26.44 -14.12 -29.35
C ALA D 147 -27.33 -14.70 -28.27
N PRO D 148 -28.55 -14.20 -28.10
CA PRO D 148 -29.45 -14.77 -27.09
C PRO D 148 -29.80 -16.21 -27.45
N SER D 149 -29.86 -17.05 -26.43
CA SER D 149 -30.08 -18.48 -26.62
C SER D 149 -31.46 -18.73 -27.20
N SER D 150 -31.54 -19.68 -28.14
CA SER D 150 -32.83 -20.02 -28.72
C SER D 150 -33.80 -20.54 -27.66
N LYS D 151 -33.29 -21.16 -26.59
CA LYS D 151 -34.16 -21.66 -25.52
C LYS D 151 -34.29 -20.70 -24.36
N SER D 152 -34.33 -19.39 -24.65
CA SER D 152 -34.58 -18.40 -23.62
C SER D 152 -36.01 -18.60 -23.11
N THR D 153 -36.17 -18.83 -21.82
CA THR D 153 -37.50 -19.06 -21.27
C THR D 153 -38.43 -17.89 -21.51
N SER D 154 -39.37 -18.04 -22.46
CA SER D 154 -40.31 -16.97 -22.77
C SER D 154 -41.08 -16.57 -21.52
N GLY D 155 -41.52 -15.31 -21.50
CA GLY D 155 -42.11 -14.72 -20.32
C GLY D 155 -41.12 -14.60 -19.19
N GLY D 156 -39.84 -14.80 -19.52
CA GLY D 156 -38.73 -14.65 -18.61
C GLY D 156 -37.72 -13.68 -19.17
N THR D 157 -36.45 -13.93 -18.84
CA THR D 157 -35.38 -13.02 -19.18
C THR D 157 -34.33 -13.72 -20.05
N ALA D 158 -33.81 -12.98 -21.01
CA ALA D 158 -32.76 -13.47 -21.90
C ALA D 158 -31.51 -12.64 -21.69
N ALA D 159 -30.36 -13.22 -22.01
CA ALA D 159 -29.11 -12.48 -21.96
C ALA D 159 -28.50 -12.45 -23.35
N LEU D 160 -27.92 -11.30 -23.70
CA LEU D 160 -27.20 -11.20 -24.97
C LEU D 160 -26.05 -10.24 -24.75
N GLY D 161 -25.15 -10.17 -25.73
CA GLY D 161 -24.02 -9.30 -25.51
C GLY D 161 -23.12 -9.18 -26.72
N CYS D 162 -21.95 -8.60 -26.48
CA CYS D 162 -20.90 -8.41 -27.46
C CYS D 162 -19.55 -8.74 -26.84
N LEU D 163 -18.72 -9.44 -27.60
CA LEU D 163 -17.34 -9.73 -27.26
C LEU D 163 -16.46 -8.79 -28.07
N VAL D 164 -15.61 -8.01 -27.38
CA VAL D 164 -14.72 -7.03 -27.99
C VAL D 164 -13.31 -7.55 -27.76
N LYS D 165 -12.67 -8.05 -28.80
CA LYS D 165 -11.49 -8.89 -28.66
C LYS D 165 -10.30 -8.28 -29.38
N ASP D 166 -9.14 -8.40 -28.74
CA ASP D 166 -7.83 -8.19 -29.35
C ASP D 166 -7.57 -6.73 -29.69
N TYR D 167 -7.55 -5.85 -28.70
CA TYR D 167 -7.25 -4.45 -28.94
C TYR D 167 -6.15 -3.98 -28.01
N PHE D 168 -5.56 -2.85 -28.37
CA PHE D 168 -4.55 -2.18 -27.56
C PHE D 168 -4.43 -0.74 -28.03
N PRO D 169 -4.27 0.25 -27.15
CA PRO D 169 -4.32 0.15 -25.69
C PRO D 169 -5.75 0.24 -25.21
N GLU D 170 -5.94 0.27 -23.90
CA GLU D 170 -7.20 0.72 -23.36
C GLU D 170 -7.36 2.21 -23.69
N PRO D 171 -8.59 2.74 -23.64
CA PRO D 171 -9.83 2.06 -23.30
C PRO D 171 -10.71 1.82 -24.53
N VAL D 172 -11.66 0.92 -24.37
CA VAL D 172 -12.80 0.79 -25.27
C VAL D 172 -14.03 1.26 -24.51
N THR D 173 -14.93 1.94 -25.20
CA THR D 173 -16.23 2.22 -24.62
C THR D 173 -17.29 1.37 -25.32
N VAL D 174 -18.25 0.90 -24.52
CA VAL D 174 -19.36 0.13 -25.04
C VAL D 174 -20.63 0.76 -24.51
N SER D 175 -21.59 0.97 -25.38
CA SER D 175 -22.94 1.31 -24.97
C SER D 175 -23.90 0.40 -25.70
N TRP D 176 -25.14 0.39 -25.25
CA TRP D 176 -26.20 -0.32 -25.93
C TRP D 176 -27.24 0.69 -26.42
N ASN D 177 -27.67 0.51 -27.66
CA ASN D 177 -28.69 1.37 -28.23
C ASN D 177 -28.37 2.84 -28.01
N SER D 178 -27.10 3.17 -28.25
CA SER D 178 -26.60 4.55 -28.19
C SER D 178 -26.76 5.18 -26.81
N GLY D 179 -26.78 4.33 -25.77
CA GLY D 179 -26.90 4.82 -24.41
C GLY D 179 -28.32 4.85 -23.88
N ALA D 180 -29.32 4.57 -24.71
CA ALA D 180 -30.68 4.58 -24.24
C ALA D 180 -31.01 3.36 -23.40
N LEU D 181 -30.24 2.27 -23.53
CA LEU D 181 -30.45 1.04 -22.78
C LEU D 181 -29.34 0.98 -21.74
N THR D 182 -29.70 1.15 -20.48
CA THR D 182 -28.72 1.09 -19.41
C THR D 182 -29.08 0.08 -18.32
N SER D 183 -30.37 -0.19 -18.13
CA SER D 183 -30.80 -1.15 -17.10
C SER D 183 -30.41 -2.56 -17.50
N GLY D 184 -29.77 -3.27 -16.57
CA GLY D 184 -29.35 -4.64 -16.85
C GLY D 184 -28.08 -4.79 -17.65
N VAL D 185 -27.40 -3.69 -17.98
CA VAL D 185 -26.14 -3.74 -18.73
C VAL D 185 -25.00 -4.00 -17.77
N HIS D 186 -24.11 -4.91 -18.16
CA HIS D 186 -22.84 -5.14 -17.45
C HIS D 186 -21.74 -5.15 -18.47
N THR D 187 -20.85 -4.17 -18.41
CA THR D 187 -19.66 -4.15 -19.24
C THR D 187 -18.49 -4.52 -18.34
N PHE D 188 -17.88 -5.66 -18.64
CA PHE D 188 -16.87 -6.20 -17.74
C PHE D 188 -15.54 -5.48 -17.91
N PRO D 189 -14.76 -5.40 -16.83
CA PRO D 189 -13.39 -4.90 -16.97
C PRO D 189 -12.62 -5.71 -18.00
N ALA D 190 -11.81 -5.02 -18.79
CA ALA D 190 -11.02 -5.71 -19.79
C ALA D 190 -10.01 -6.63 -19.10
N VAL D 191 -9.69 -7.72 -19.77
CA VAL D 191 -8.66 -8.64 -19.32
C VAL D 191 -7.52 -8.59 -20.31
N LEU D 192 -6.29 -8.57 -19.80
CA LEU D 192 -5.11 -8.62 -20.67
C LEU D 192 -4.84 -10.09 -21.00
N GLN D 193 -4.86 -10.44 -22.28
CA GLN D 193 -4.63 -11.82 -22.69
C GLN D 193 -3.13 -12.12 -22.73
N SER D 194 -2.80 -13.42 -22.80
CA SER D 194 -1.40 -13.82 -22.89
C SER D 194 -0.72 -13.19 -24.11
N SER D 195 -1.49 -12.86 -25.15
CA SER D 195 -0.96 -12.21 -26.34
C SER D 195 -0.53 -10.77 -26.10
N GLY D 196 -0.85 -10.17 -24.96
CA GLY D 196 -0.58 -8.76 -24.76
C GLY D 196 -1.66 -7.84 -25.25
N LEU D 197 -2.77 -8.39 -25.74
CA LEU D 197 -3.93 -7.61 -26.16
C LEU D 197 -5.07 -7.76 -25.18
N TYR D 198 -5.94 -6.75 -25.18
CA TYR D 198 -7.10 -6.76 -24.28
C TYR D 198 -8.31 -7.39 -24.94
N SER D 199 -9.10 -7.93 -24.07
CA SER D 199 -10.37 -8.43 -24.46
C SER D 199 -11.44 -8.07 -23.37
N LEU D 200 -12.68 -7.77 -23.75
CA LEU D 200 -13.79 -7.58 -22.77
C LEU D 200 -15.19 -7.97 -23.38
N SER D 201 -16.23 -8.22 -22.57
CA SER D 201 -17.60 -8.48 -23.01
C SER D 201 -18.52 -7.48 -22.32
N SER D 202 -19.56 -7.15 -23.03
CA SER D 202 -20.66 -6.37 -22.45
C SER D 202 -21.91 -7.17 -22.70
N VAL D 203 -22.67 -7.32 -21.68
CA VAL D 203 -23.91 -8.08 -21.76
C VAL D 203 -25.06 -7.24 -21.23
N VAL D 204 -26.26 -7.65 -21.61
CA VAL D 204 -27.50 -7.04 -21.12
C VAL D 204 -28.53 -8.15 -21.02
N THR D 205 -29.35 -8.07 -19.97
CA THR D 205 -30.50 -8.94 -19.83
C THR D 205 -31.75 -8.16 -20.21
N VAL D 206 -32.62 -8.78 -21.00
CA VAL D 206 -33.82 -8.12 -21.51
C VAL D 206 -34.98 -9.09 -21.44
N PRO D 207 -36.22 -8.58 -21.50
CA PRO D 207 -37.37 -9.48 -21.61
C PRO D 207 -37.26 -10.39 -22.83
N SER D 208 -37.49 -11.68 -22.61
CA SER D 208 -37.52 -12.61 -23.73
C SER D 208 -38.56 -12.20 -24.76
N SER D 209 -39.71 -11.73 -24.30
CA SER D 209 -40.75 -11.26 -25.22
C SER D 209 -40.21 -10.26 -26.22
N SER D 210 -39.16 -9.52 -25.85
CA SER D 210 -38.72 -8.41 -26.69
C SER D 210 -37.81 -8.84 -27.83
N LEU D 211 -37.24 -10.04 -27.79
CA LEU D 211 -36.36 -10.46 -28.87
C LEU D 211 -37.14 -10.53 -30.16
N GLY D 212 -36.53 -10.08 -31.25
CA GLY D 212 -37.23 -10.02 -32.52
C GLY D 212 -38.24 -8.90 -32.65
N THR D 213 -38.56 -8.19 -31.57
CA THR D 213 -39.33 -6.95 -31.66
C THR D 213 -38.43 -5.72 -31.51
N GLN D 214 -37.62 -5.70 -30.45
CA GLN D 214 -36.71 -4.60 -30.16
C GLN D 214 -35.34 -4.93 -30.75
N THR D 215 -34.75 -3.94 -31.41
CA THR D 215 -33.40 -4.07 -31.93
C THR D 215 -32.41 -3.73 -30.83
N TYR D 216 -31.36 -4.53 -30.72
CA TYR D 216 -30.34 -4.34 -29.70
C TYR D 216 -29.01 -4.18 -30.42
N ILE D 217 -28.40 -3.01 -30.24
CA ILE D 217 -27.16 -2.64 -30.90
C ILE D 217 -26.12 -2.43 -29.81
N CYS D 218 -24.95 -3.08 -29.94
CA CYS D 218 -23.83 -2.69 -29.09
C CYS D 218 -22.92 -1.75 -29.89
N ASN D 219 -22.67 -0.58 -29.31
CA ASN D 219 -21.90 0.50 -29.90
C ASN D 219 -20.52 0.44 -29.24
N VAL D 220 -19.50 0.12 -30.02
CA VAL D 220 -18.14 -0.03 -29.55
C VAL D 220 -17.29 1.07 -30.18
N ASN D 221 -16.48 1.75 -29.37
CA ASN D 221 -15.59 2.82 -29.84
C ASN D 221 -14.24 2.56 -29.20
N HIS D 222 -13.22 2.41 -30.04
CA HIS D 222 -11.82 2.33 -29.64
C HIS D 222 -11.17 3.53 -30.33
N LYS D 223 -11.11 4.66 -29.63
CA LYS D 223 -10.61 5.88 -30.24
C LYS D 223 -9.14 5.77 -30.60
N PRO D 224 -8.31 5.03 -29.86
CA PRO D 224 -6.89 4.96 -30.26
C PRO D 224 -6.68 4.44 -31.67
N SER D 225 -7.55 3.55 -32.16
CA SER D 225 -7.43 3.02 -33.51
C SER D 225 -8.48 3.59 -34.46
N ASN D 226 -9.30 4.54 -34.00
CA ASN D 226 -10.43 5.05 -34.78
C ASN D 226 -11.35 3.94 -35.25
N THR D 227 -11.60 2.98 -34.36
CA THR D 227 -12.53 1.89 -34.65
C THR D 227 -13.86 2.23 -34.00
N LYS D 228 -14.93 2.28 -34.81
CA LYS D 228 -16.29 2.46 -34.32
C LYS D 228 -17.11 1.35 -34.95
N VAL D 229 -17.80 0.56 -34.14
CA VAL D 229 -18.63 -0.54 -34.60
C VAL D 229 -20.00 -0.38 -33.97
N ASP D 230 -21.06 -0.55 -34.74
CA ASP D 230 -22.41 -0.66 -34.22
C ASP D 230 -22.90 -2.04 -34.66
N LYS D 231 -22.98 -2.99 -33.73
CA LYS D 231 -23.25 -4.39 -34.07
C LYS D 231 -24.64 -4.77 -33.57
N LYS D 232 -25.50 -5.16 -34.50
CA LYS D 232 -26.81 -5.68 -34.14
C LYS D 232 -26.64 -7.11 -33.60
N VAL D 233 -27.23 -7.38 -32.45
CA VAL D 233 -27.13 -8.69 -31.81
C VAL D 233 -28.51 -9.32 -31.86
N GLU D 234 -28.60 -10.45 -32.56
CA GLU D 234 -29.84 -11.12 -32.91
C GLU D 234 -29.78 -12.60 -32.56
N PRO D 235 -30.92 -13.23 -32.36
CA PRO D 235 -30.94 -14.71 -32.27
C PRO D 235 -30.36 -15.33 -33.53
N LYS D 236 -29.71 -16.48 -33.35
CA LYS D 236 -29.06 -17.18 -34.43
C LYS D 236 -30.08 -18.11 -35.08
N SER D 237 -29.62 -19.01 -35.93
CA SER D 237 -30.36 -20.24 -36.23
C SER D 237 -29.41 -21.19 -36.96
N MET E 1 -9.98 36.66 6.41
CA MET E 1 -8.74 36.99 5.68
C MET E 1 -8.07 35.79 5.03
N GLU E 2 -7.67 35.96 3.78
CA GLU E 2 -6.95 34.94 3.05
C GLU E 2 -5.49 34.97 3.45
N LEU E 3 -4.93 33.79 3.66
CA LEU E 3 -3.57 33.67 4.16
C LEU E 3 -2.56 33.34 3.07
N ASP E 4 -3.02 33.07 1.85
CA ASP E 4 -2.15 32.56 0.78
C ASP E 4 -0.93 33.44 0.59
N ALA E 5 -1.15 34.76 0.50
CA ALA E 5 -0.05 35.67 0.20
C ALA E 5 1.00 35.68 1.31
N ILE E 6 0.56 35.57 2.56
CA ILE E 6 1.50 35.46 3.66
C ILE E 6 2.24 34.15 3.58
N LEU E 7 1.49 33.05 3.43
CA LEU E 7 2.11 31.73 3.46
C LEU E 7 3.12 31.57 2.34
N ASP E 8 2.90 32.24 1.22
CA ASP E 8 3.79 32.07 0.07
C ASP E 8 5.23 32.46 0.39
N ASN E 9 5.45 33.25 1.43
CA ASN E 9 6.79 33.73 1.75
C ASN E 9 7.46 32.98 2.89
N LEU E 10 6.82 31.94 3.42
CA LEU E 10 7.26 31.28 4.64
C LEU E 10 7.70 29.86 4.37
N SER E 11 8.70 29.41 5.14
CA SER E 11 9.06 28.00 5.17
C SER E 11 7.90 27.19 5.76
N ASP E 12 7.97 25.87 5.59
CA ASP E 12 6.92 25.01 6.15
C ASP E 12 6.85 25.16 7.67
N GLU E 13 8.01 25.27 8.33
CA GLU E 13 8.02 25.47 9.78
C GLU E 13 7.31 26.77 10.15
N GLU E 14 7.60 27.86 9.43
CA GLU E 14 6.97 29.13 9.74
C GLU E 14 5.47 29.10 9.46
N GLN E 15 5.07 28.43 8.36
CA GLN E 15 3.65 28.30 8.04
C GLN E 15 2.89 27.60 9.17
N ILE E 16 3.42 26.46 9.62
CA ILE E 16 2.71 25.72 10.65
C ILE E 16 2.68 26.51 11.96
N GLU E 17 3.74 27.28 12.24
CA GLU E 17 3.72 28.18 13.41
C GLU E 17 2.56 29.17 13.34
N LEU E 18 2.36 29.80 12.18
CA LEU E 18 1.28 30.77 12.02
C LEU E 18 -0.09 30.10 12.12
N LEU E 19 -0.25 28.96 11.44
CA LEU E 19 -1.52 28.25 11.51
C LEU E 19 -1.84 27.87 12.96
N GLU E 20 -0.82 27.42 13.70
CA GLU E 20 -1.04 27.02 15.09
C GLU E 20 -1.39 28.22 15.96
N LEU E 21 -0.79 29.39 15.67
CA LEU E 21 -1.15 30.63 16.38
C LEU E 21 -2.61 30.95 16.17
N LEU E 22 -3.08 30.86 14.93
CA LEU E 22 -4.47 31.21 14.66
C LEU E 22 -5.41 30.20 15.28
N GLU E 23 -4.98 28.95 15.36
CA GLU E 23 -5.82 27.98 16.06
C GLU E 23 -5.87 28.28 17.56
N GLU E 24 -4.77 28.76 18.13
CA GLU E 24 -4.80 29.02 19.57
C GLU E 24 -5.60 30.28 19.86
N GLU E 25 -5.61 31.24 18.95
CA GLU E 25 -6.51 32.37 19.11
C GLU E 25 -7.95 31.86 19.25
N GLU E 26 -8.37 31.01 18.32
CA GLU E 26 -9.74 30.49 18.45
C GLU E 26 -9.94 29.65 19.72
N ASN E 27 -8.94 28.84 20.10
CA ASN E 27 -9.09 28.03 21.30
C ASN E 27 -9.24 28.92 22.52
N TYR E 28 -8.61 30.09 22.49
CA TYR E 28 -8.68 30.99 23.62
C TYR E 28 -10.09 31.56 23.71
N ARG E 29 -10.59 32.09 22.60
CA ARG E 29 -11.98 32.55 22.59
C ARG E 29 -12.96 31.47 23.02
N ASN E 30 -12.79 30.29 22.48
CA ASN E 30 -13.73 29.17 22.77
C ASN E 30 -13.74 28.68 24.29
N THR E 31 -12.57 28.64 24.95
CA THR E 31 -12.40 28.25 26.40
C THR E 31 -12.41 29.43 27.47
N HIS E 32 -12.75 30.68 27.08
CA HIS E 32 -12.92 31.86 28.00
C HIS E 32 -14.26 32.65 27.75
N LEU E 33 -15.39 31.95 27.51
CA LEU E 33 -16.73 32.59 27.28
C LEU E 33 -18.01 31.73 27.47
N MET F 1 -2.53 -38.07 5.67
CA MET F 1 -1.77 -38.29 4.40
C MET F 1 -1.21 -36.96 3.90
N GLU F 2 0.03 -36.99 3.46
CA GLU F 2 0.64 -35.85 2.83
C GLU F 2 0.14 -35.72 1.40
N LEU F 3 -0.18 -34.49 1.01
CA LEU F 3 -0.73 -34.27 -0.31
C LEU F 3 0.28 -33.74 -1.31
N ASP F 4 1.50 -33.40 -0.86
CA ASP F 4 2.48 -32.71 -1.69
C ASP F 4 2.72 -33.45 -3.00
N ALA F 5 2.92 -34.77 -2.91
CA ALA F 5 3.27 -35.54 -4.11
C ALA F 5 2.17 -35.48 -5.16
N ILE F 6 0.92 -35.48 -4.70
CA ILE F 6 -0.23 -35.34 -5.60
C ILE F 6 -0.28 -33.94 -6.19
N LEU F 7 -0.18 -32.94 -5.34
CA LEU F 7 -0.31 -31.56 -5.80
C LEU F 7 0.79 -31.20 -6.78
N ASP F 8 1.96 -31.83 -6.67
CA ASP F 8 3.08 -31.44 -7.53
C ASP F 8 2.79 -31.63 -9.01
N ASN F 9 1.87 -32.51 -9.39
CA ASN F 9 1.60 -32.77 -10.80
C ASN F 9 0.31 -32.15 -11.32
N LEU F 10 -0.33 -31.29 -10.54
CA LEU F 10 -1.64 -30.74 -10.87
C LEU F 10 -1.53 -29.25 -11.19
N SER F 11 -2.37 -28.80 -12.12
CA SER F 11 -2.56 -27.38 -12.38
C SER F 11 -3.20 -26.70 -11.17
N ASP F 12 -3.19 -25.36 -11.16
CA ASP F 12 -3.86 -24.66 -10.07
C ASP F 12 -5.34 -25.02 -10.01
N GLU F 13 -6.02 -25.07 -11.15
CA GLU F 13 -7.44 -25.42 -11.15
C GLU F 13 -7.67 -26.77 -10.50
N GLU F 14 -6.84 -27.76 -10.88
CA GLU F 14 -6.99 -29.10 -10.33
C GLU F 14 -6.66 -29.13 -8.84
N GLN F 15 -5.60 -28.42 -8.45
CA GLN F 15 -5.22 -28.39 -7.04
C GLN F 15 -6.37 -27.84 -6.19
N ILE F 16 -6.91 -26.68 -6.59
CA ILE F 16 -7.96 -26.06 -5.77
C ILE F 16 -9.23 -26.92 -5.79
N GLU F 17 -9.50 -27.60 -6.91
CA GLU F 17 -10.63 -28.53 -6.90
C GLU F 17 -10.46 -29.60 -5.83
N LEU F 18 -9.26 -30.18 -5.73
CA LEU F 18 -9.00 -31.22 -4.74
C LEU F 18 -9.09 -30.66 -3.32
N LEU F 19 -8.46 -29.51 -3.08
CA LEU F 19 -8.50 -28.93 -1.73
C LEU F 19 -9.94 -28.59 -1.32
N GLU F 20 -10.71 -27.98 -2.22
CA GLU F 20 -12.07 -27.63 -1.88
C GLU F 20 -12.94 -28.88 -1.73
N LEU F 21 -12.64 -29.96 -2.45
CA LEU F 21 -13.31 -31.23 -2.18
C LEU F 21 -13.07 -31.65 -0.74
N LEU F 22 -11.82 -31.59 -0.30
CA LEU F 22 -11.48 -32.09 1.04
C LEU F 22 -12.04 -31.21 2.15
N GLU F 23 -12.12 -29.89 1.97
CA GLU F 23 -12.77 -29.04 2.96
C GLU F 23 -14.30 -28.92 2.81
N GLU F 24 -14.92 -29.68 1.88
CA GLU F 24 -16.38 -29.66 1.66
C GLU F 24 -16.90 -28.30 1.15
N GLU F 25 -16.20 -27.74 0.16
CA GLU F 25 -16.63 -26.48 -0.46
C GLU F 25 -16.94 -25.43 0.65
N GLU F 26 -16.05 -25.26 1.63
CA GLU F 26 -16.35 -24.34 2.78
C GLU F 26 -16.69 -22.88 2.27
N ASN F 27 -15.89 -22.32 1.34
CA ASN F 27 -16.20 -20.92 0.81
C ASN F 27 -17.62 -20.69 0.13
N TYR F 28 -18.26 -21.77 -0.32
CA TYR F 28 -19.56 -21.69 -1.01
C TYR F 28 -20.83 -22.25 -0.33
N ARG F 29 -20.89 -22.30 1.01
CA ARG F 29 -22.07 -22.77 1.81
C ARG F 29 -22.35 -21.94 3.11
N ASN F 30 -23.53 -22.04 3.76
CA ASN F 30 -23.76 -21.22 4.98
C ASN F 30 -22.72 -21.60 6.03
#